data_4JFD
#
_entry.id   4JFD
#
_cell.length_a   121.490
_cell.length_b   121.490
_cell.length_c   82.960
_cell.angle_alpha   90.000
_cell.angle_beta   90.000
_cell.angle_gamma   90.000
#
_symmetry.space_group_name_H-M   'P 43'
#
loop_
_entity.id
_entity.type
_entity.pdbx_description
1 polymer 'HLA class I histocompatibility antigen, A-2 alpha chain'
2 polymer Beta-2-microglobulin
3 polymer 'Melanoma peptide'
4 polymer 'High Affinity TCR Alpha Chain'
5 polymer 'High Affinity TCR Beta Chain'
6 non-polymer TRIS(HYDROXYETHYL)AMINOMETHANE
7 non-polymer 'SULFATE ION'
8 water water
#
loop_
_entity_poly.entity_id
_entity_poly.type
_entity_poly.pdbx_seq_one_letter_code
_entity_poly.pdbx_strand_id
1 'polypeptide(L)'
;GSHSMRYFFTSVSRPGRGEPRFIAVGYVDDTQFVRFDSDAASQRMEPRAPWIEQEGPEYWDGETRKVKAHSQTHRVDLGT
LRGYYNQSEAGSHTVQRMYGCDVGSDWRFLRGYHQYAYDGKDYIALKEDLRSWTAADMAAQTTKHKWEAAHVAEQLRAYL
EGTCVEWLRRYLENGKETLQRTDAPKTHMTHHAVSDHEATLRCWALSFYPAEITLTWQRDGEDQTQDTELVETRPAGDGT
FQKWAAVVVPSGQEQRYTCHVQHEGLPKPLTLRWEP
;
A
2 'polypeptide(L)'
;MIQRTPKIQVYSRHPAENGKSNFLNCYVSGFHPSDIEVDLLKNGERIEKVEHSDLSFSKDWSFYLLYYTEFTPTEKDEYA
CRVNHVTLSQPKIVKWDRDM
;
B
3 'polypeptide(L)' ELAAIGILTV C
4 'polypeptide(L)'
;KQEVEQNSGPLSVPEGAIASLNCTYSFLGSQSFFWYRQYSGKSPELIMFTYREGDKEDGRFTAQLNKASQHVSLLIRDSQ
PSDSATYLCAVNDGGRLTFGDGTTLTVKPNIQNPDPAVYQLRDSKSSDKSVCLFTDFDSQTNVSQSKDSDVYITDKCVLD
MRSMDFKSNSAVAWSNKSDFACANAFNNSIIPEDTF
;
D
5 'polypeptide(L)'
;MSQTIHQWPATLVQPVGSPLSLECTVEGTSNPNLYWYRQAAGRGPQLLFYWGPFGQISSEVPQNLSASRPQDRQFILSSK
KLLLSDSGFYLCAWSETGLGMGGWQFGEGSRLTVLEDLKNVFPPEVAVFEPSEAEISHTQKATLVCLATGFYPDHVELSW
WVNGKEVHSGVCTDPQPLKEQPALNDSRYALSSRLRVSATFWQDPRNHFRCQVQFYGLSENDEWTQDRAKPVTQIVSAEA
WGRAD
;
E
#
loop_
_chem_comp.id
_chem_comp.type
_chem_comp.name
_chem_comp.formula
SO4 non-polymer 'SULFATE ION' 'O4 S -2'
TAM non-polymer TRIS(HYDROXYETHYL)AMINOMETHANE 'C7 H17 N O3'
#
# COMPACT_ATOMS: atom_id res chain seq x y z
N GLY A 1 -29.75 -16.60 -9.69
CA GLY A 1 -30.09 -15.18 -9.92
C GLY A 1 -28.87 -14.32 -9.83
N SER A 2 -28.99 -13.07 -10.25
CA SER A 2 -27.89 -12.13 -10.22
C SER A 2 -27.44 -11.82 -8.79
N HIS A 3 -26.28 -11.16 -8.65
CA HIS A 3 -25.76 -10.79 -7.38
C HIS A 3 -24.90 -9.57 -7.53
N SER A 4 -24.58 -8.92 -6.42
CA SER A 4 -23.74 -7.73 -6.47
C SER A 4 -23.01 -7.49 -5.21
N MET A 5 -21.97 -6.69 -5.30
CA MET A 5 -21.22 -6.28 -4.14
C MET A 5 -21.00 -4.82 -4.26
N ARG A 6 -21.35 -4.06 -3.22
CA ARG A 6 -21.11 -2.64 -3.25
C ARG A 6 -20.73 -1.96 -1.96
N TYR A 7 -19.89 -0.94 -2.10
CA TYR A 7 -19.41 -0.15 -0.98
C TYR A 7 -19.89 1.33 -1.03
N PHE A 8 -20.33 1.83 0.11
CA PHE A 8 -20.87 3.21 0.23
C PHE A 8 -20.07 3.99 1.23
N PHE A 9 -19.58 5.16 0.83
CA PHE A 9 -18.80 6.00 1.70
C PHE A 9 -19.45 7.40 1.81
N THR A 10 -19.55 7.92 3.04
CA THR A 10 -20.08 9.27 3.27
C THR A 10 -19.16 10.02 4.22
N SER A 11 -18.74 11.23 3.82
CA SER A 11 -17.89 12.07 4.67
C SER A 11 -18.53 13.42 4.78
N VAL A 12 -18.75 13.89 6.00
CA VAL A 12 -19.37 15.14 6.23
C VAL A 12 -18.45 15.99 7.02
N SER A 13 -18.10 17.16 6.50
CA SER A 13 -17.22 18.06 7.21
C SER A 13 -17.94 18.78 8.28
N ARG A 14 -17.33 18.85 9.46
CA ARG A 14 -17.92 19.59 10.55
C ARG A 14 -16.91 20.65 11.03
N PRO A 15 -16.90 21.82 10.37
CA PRO A 15 -15.98 22.88 10.73
C PRO A 15 -16.31 23.46 12.07
N GLY A 16 -15.31 23.60 12.93
CA GLY A 16 -15.51 24.14 14.26
C GLY A 16 -15.58 23.05 15.31
N ARG A 17 -15.52 21.79 14.86
CA ARG A 17 -15.55 20.63 15.74
C ARG A 17 -14.25 19.83 15.56
N GLY A 18 -13.85 19.63 14.31
CA GLY A 18 -12.61 18.90 14.00
C GLY A 18 -12.70 18.11 12.69
N GLU A 19 -12.37 16.82 12.75
CA GLU A 19 -12.41 15.98 11.59
C GLU A 19 -13.87 15.64 11.19
N PRO A 20 -14.06 15.24 9.93
CA PRO A 20 -15.37 14.88 9.39
C PRO A 20 -15.86 13.55 9.85
N ARG A 21 -17.19 13.41 9.98
CA ARG A 21 -17.76 12.14 10.32
C ARG A 21 -17.65 11.28 9.06
N PHE A 22 -17.09 10.09 9.19
CA PHE A 22 -16.94 9.21 8.06
C PHE A 22 -17.54 7.86 8.35
N ILE A 23 -18.49 7.45 7.51
CA ILE A 23 -19.16 6.18 7.66
C ILE A 23 -19.06 5.37 6.35
N ALA A 24 -18.56 4.14 6.45
CA ALA A 24 -18.43 3.26 5.29
C ALA A 24 -19.18 1.96 5.53
N VAL A 25 -19.90 1.49 4.52
CA VAL A 25 -20.63 0.25 4.66
C VAL A 25 -20.51 -0.57 3.40
N GLY A 26 -20.45 -1.90 3.58
CA GLY A 26 -20.33 -2.83 2.47
C GLY A 26 -21.53 -3.76 2.39
N TYR A 27 -22.03 -3.98 1.18
CA TYR A 27 -23.14 -4.88 0.96
C TYR A 27 -22.83 -5.96 -0.09
N VAL A 28 -23.44 -7.13 0.13
CA VAL A 28 -23.45 -8.20 -0.86
C VAL A 28 -24.95 -8.40 -1.04
N ASP A 29 -25.47 -7.99 -2.20
CA ASP A 29 -26.89 -8.01 -2.44
C ASP A 29 -27.55 -6.96 -1.48
N ASP A 30 -28.54 -7.37 -0.73
CA ASP A 30 -29.20 -6.47 0.21
C ASP A 30 -28.76 -6.74 1.64
N THR A 31 -27.61 -7.40 1.81
CA THR A 31 -27.12 -7.74 3.13
C THR A 31 -25.86 -7.01 3.48
N GLN A 32 -25.90 -6.26 4.56
CA GLN A 32 -24.74 -5.52 5.03
C GLN A 32 -23.81 -6.50 5.67
N PHE A 33 -22.52 -6.43 5.34
CA PHE A 33 -21.56 -7.38 5.88
C PHE A 33 -20.35 -6.70 6.58
N VAL A 34 -20.13 -5.41 6.31
CA VAL A 34 -19.05 -4.68 6.97
C VAL A 34 -19.40 -3.19 7.16
N ARG A 35 -18.75 -2.54 8.14
CA ARG A 35 -18.98 -1.12 8.37
C ARG A 35 -17.80 -0.48 9.04
N PHE A 36 -17.71 0.83 8.89
CA PHE A 36 -16.71 1.58 9.56
C PHE A 36 -17.28 2.97 9.87
N ASP A 37 -17.13 3.38 11.13
CA ASP A 37 -17.60 4.68 11.58
C ASP A 37 -16.47 5.35 12.33
N SER A 38 -16.02 6.48 11.78
CA SER A 38 -14.92 7.24 12.35
C SER A 38 -15.11 7.66 13.78
N ASP A 39 -16.35 7.62 14.30
CA ASP A 39 -16.63 8.02 15.72
C ASP A 39 -16.68 6.84 16.68
N ALA A 40 -16.77 5.62 16.13
CA ALA A 40 -16.79 4.43 16.95
C ALA A 40 -15.41 4.27 17.71
N ALA A 41 -15.46 3.64 18.88
CA ALA A 41 -14.25 3.44 19.70
C ALA A 41 -13.32 2.45 19.04
N SER A 42 -13.91 1.50 18.35
CA SER A 42 -13.20 0.43 17.65
C SER A 42 -12.05 0.90 16.71
N GLN A 43 -12.36 1.79 15.79
CA GLN A 43 -11.42 2.25 14.79
C GLN A 43 -10.93 1.06 13.93
N ARG A 44 -11.84 0.09 13.75
CA ARG A 44 -11.57 -1.09 12.94
C ARG A 44 -12.74 -1.27 11.98
N MET A 45 -12.49 -1.92 10.86
CA MET A 45 -13.54 -2.31 9.99
C MET A 45 -14.23 -3.45 10.78
N GLU A 46 -15.54 -3.40 10.90
CA GLU A 46 -16.28 -4.38 11.70
C GLU A 46 -17.12 -5.28 10.87
N PRO A 47 -17.20 -6.55 11.26
CA PRO A 47 -18.08 -7.50 10.54
C PRO A 47 -19.54 -7.29 10.96
N ARG A 48 -20.48 -7.42 10.03
CA ARG A 48 -21.94 -7.25 10.37
C ARG A 48 -22.73 -8.44 9.89
N ALA A 49 -22.04 -9.53 9.58
CA ALA A 49 -22.65 -10.77 9.13
C ALA A 49 -21.71 -11.92 9.52
N PRO A 50 -22.27 -13.06 9.96
CA PRO A 50 -21.49 -14.22 10.42
C PRO A 50 -20.48 -14.77 9.42
N TRP A 51 -20.87 -14.94 8.17
CA TRP A 51 -19.97 -15.52 7.14
C TRP A 51 -18.71 -14.72 6.82
N ILE A 52 -18.67 -13.44 7.23
CA ILE A 52 -17.48 -12.61 6.96
C ILE A 52 -16.45 -12.75 8.09
N GLU A 53 -16.90 -13.25 9.23
CA GLU A 53 -16.04 -13.44 10.42
C GLU A 53 -15.10 -14.61 10.23
N GLN A 54 -15.25 -15.27 9.10
CA GLN A 54 -14.42 -16.41 8.75
C GLN A 54 -13.03 -15.94 8.22
N GLU A 55 -12.97 -14.73 7.75
CA GLU A 55 -11.73 -14.19 7.26
C GLU A 55 -10.76 -13.97 8.48
N GLY A 56 -9.48 -14.20 8.27
CA GLY A 56 -8.47 -14.05 9.36
C GLY A 56 -8.10 -12.58 9.68
N PRO A 57 -7.26 -12.39 10.68
CA PRO A 57 -6.83 -11.06 11.07
C PRO A 57 -6.08 -10.28 9.96
N GLU A 58 -5.48 -11.01 9.00
CA GLU A 58 -4.74 -10.33 7.89
C GLU A 58 -5.73 -9.58 7.04
N TYR A 59 -6.84 -10.21 6.75
CA TYR A 59 -7.88 -9.61 5.96
C TYR A 59 -8.44 -8.35 6.65
N TRP A 60 -8.70 -8.45 7.96
CA TRP A 60 -9.27 -7.33 8.72
C TRP A 60 -8.29 -6.17 8.85
N ASP A 61 -7.02 -6.49 9.04
CA ASP A 61 -6.02 -5.46 9.11
C ASP A 61 -6.01 -4.68 7.82
N GLY A 62 -6.05 -5.40 6.70
CA GLY A 62 -6.02 -4.78 5.37
C GLY A 62 -7.25 -3.92 5.07
N GLU A 63 -8.42 -4.44 5.37
CA GLU A 63 -9.64 -3.70 5.14
C GLU A 63 -9.67 -2.44 6.01
N THR A 64 -9.12 -2.54 7.22
CA THR A 64 -9.09 -1.42 8.11
C THR A 64 -8.13 -0.34 7.58
N ARG A 65 -6.96 -0.76 7.10
CA ARG A 65 -6.01 0.20 6.54
C ARG A 65 -6.63 0.87 5.35
N LYS A 66 -7.21 0.09 4.46
CA LYS A 66 -7.82 0.66 3.27
C LYS A 66 -8.97 1.62 3.57
N VAL A 67 -9.84 1.26 4.50
CA VAL A 67 -10.97 2.12 4.76
C VAL A 67 -10.55 3.46 5.38
N LYS A 68 -9.47 3.45 6.20
CA LYS A 68 -8.95 4.68 6.77
C LYS A 68 -8.29 5.52 5.66
N ALA A 69 -7.62 4.85 4.72
CA ALA A 69 -7.03 5.56 3.57
C ALA A 69 -8.17 6.30 2.84
N HIS A 70 -9.26 5.58 2.55
CA HIS A 70 -10.43 6.19 1.90
C HIS A 70 -10.88 7.43 2.66
N SER A 71 -11.02 7.28 3.93
CA SER A 71 -11.45 8.37 4.79
C SER A 71 -10.56 9.61 4.62
N GLN A 72 -9.25 9.43 4.73
CA GLN A 72 -8.37 10.54 4.64
C GLN A 72 -8.33 11.19 3.24
N THR A 73 -8.62 10.41 2.20
CA THR A 73 -8.59 10.98 0.84
C THR A 73 -9.79 11.86 0.71
N HIS A 74 -10.89 11.42 1.28
CA HIS A 74 -12.12 12.21 1.29
C HIS A 74 -11.94 13.47 2.10
N ARG A 75 -11.13 13.44 3.17
CA ARG A 75 -10.93 14.63 3.93
C ARG A 75 -10.16 15.64 3.06
N VAL A 76 -9.20 15.15 2.25
CA VAL A 76 -8.46 16.08 1.35
C VAL A 76 -9.43 16.62 0.29
N ASP A 77 -10.29 15.75 -0.22
CA ASP A 77 -11.30 16.17 -1.23
C ASP A 77 -12.18 17.34 -0.72
N LEU A 78 -12.60 17.28 0.53
CA LEU A 78 -13.43 18.34 1.08
C LEU A 78 -12.75 19.70 0.98
N GLY A 79 -11.47 19.74 1.24
CA GLY A 79 -10.75 20.99 1.16
C GLY A 79 -10.58 21.44 -0.29
N THR A 80 -10.28 20.50 -1.16
CA THR A 80 -10.08 20.80 -2.57
C THR A 80 -11.38 21.32 -3.22
N LEU A 81 -12.51 20.67 -2.88
CA LEU A 81 -13.82 21.03 -3.45
C LEU A 81 -14.30 22.41 -3.03
N ARG A 82 -14.00 22.84 -1.82
CA ARG A 82 -14.39 24.19 -1.39
C ARG A 82 -13.71 25.18 -2.29
N GLY A 83 -12.43 24.92 -2.56
CA GLY A 83 -11.67 25.76 -3.41
C GLY A 83 -12.29 25.81 -4.78
N TYR A 84 -12.58 24.63 -5.34
CA TYR A 84 -13.15 24.58 -6.67
C TYR A 84 -14.41 25.37 -6.76
N TYR A 85 -15.27 25.23 -5.74
CA TYR A 85 -16.55 25.94 -5.72
C TYR A 85 -16.46 27.26 -4.99
N ASN A 86 -15.25 27.75 -4.86
CA ASN A 86 -15.02 29.02 -4.22
C ASN A 86 -15.92 29.25 -2.98
N GLN A 87 -16.08 28.23 -2.16
CA GLN A 87 -16.94 28.37 -0.95
C GLN A 87 -16.09 28.61 0.38
N SER A 88 -16.74 29.06 1.46
CA SER A 88 -16.03 29.35 2.74
C SER A 88 -15.83 28.16 3.65
N GLU A 89 -14.99 28.36 4.67
CA GLU A 89 -14.68 27.33 5.69
C GLU A 89 -15.80 27.08 6.71
N ALA A 90 -16.73 28.01 6.79
CA ALA A 90 -17.81 27.91 7.78
C ALA A 90 -18.91 26.87 7.47
N GLY A 91 -19.18 26.62 6.20
CA GLY A 91 -20.24 25.69 5.82
C GLY A 91 -19.90 24.20 5.84
N SER A 92 -20.85 23.40 6.31
CA SER A 92 -20.71 21.92 6.34
C SER A 92 -20.99 21.37 4.94
N HIS A 93 -20.15 20.47 4.47
CA HIS A 93 -20.33 19.89 3.13
C HIS A 93 -20.20 18.38 3.15
N THR A 94 -20.72 17.73 2.12
CA THR A 94 -20.74 16.25 2.07
C THR A 94 -20.19 15.70 0.80
N VAL A 95 -19.39 14.65 0.94
CA VAL A 95 -18.83 13.92 -0.18
C VAL A 95 -19.28 12.50 -0.06
N GLN A 96 -19.70 11.93 -1.16
CA GLN A 96 -20.18 10.57 -1.20
C GLN A 96 -19.53 9.78 -2.33
N ARG A 97 -19.39 8.49 -2.13
CA ARG A 97 -18.80 7.63 -3.09
C ARG A 97 -19.42 6.27 -3.03
N MET A 98 -19.59 5.66 -4.19
CA MET A 98 -20.10 4.31 -4.27
C MET A 98 -19.48 3.58 -5.44
N TYR A 99 -19.22 2.30 -5.26
CA TYR A 99 -18.68 1.47 -6.30
C TYR A 99 -19.00 0.03 -6.02
N GLY A 100 -19.00 -0.79 -7.06
CA GLY A 100 -19.32 -2.16 -6.90
C GLY A 100 -19.42 -2.95 -8.15
N CYS A 101 -19.92 -4.16 -7.98
CA CYS A 101 -20.03 -5.19 -9.04
C CYS A 101 -21.36 -5.75 -9.16
N ASP A 102 -21.72 -6.14 -10.39
CA ASP A 102 -22.91 -6.92 -10.64
C ASP A 102 -22.47 -8.17 -11.42
N VAL A 103 -23.05 -9.32 -11.09
CA VAL A 103 -22.80 -10.55 -11.83
C VAL A 103 -24.12 -11.19 -12.07
N GLY A 104 -24.19 -12.01 -13.12
CA GLY A 104 -25.44 -12.69 -13.49
C GLY A 104 -25.58 -14.04 -12.82
N SER A 105 -26.53 -14.83 -13.32
CA SER A 105 -26.76 -16.17 -12.75
C SER A 105 -25.54 -17.06 -12.89
N ASP A 106 -24.67 -16.72 -13.82
CA ASP A 106 -23.46 -17.48 -14.04
C ASP A 106 -22.31 -16.97 -13.19
N TRP A 107 -22.58 -15.94 -12.39
CA TRP A 107 -21.55 -15.35 -11.50
C TRP A 107 -20.42 -14.66 -12.28
N ARG A 108 -20.67 -14.43 -13.57
CA ARG A 108 -19.73 -13.72 -14.42
C ARG A 108 -20.05 -12.24 -14.39
N PHE A 109 -19.04 -11.41 -14.60
CA PHE A 109 -19.19 -9.97 -14.60
C PHE A 109 -20.25 -9.48 -15.54
N LEU A 110 -21.13 -8.60 -15.03
CA LEU A 110 -22.17 -7.95 -15.86
C LEU A 110 -21.91 -6.47 -16.01
N ARG A 111 -21.58 -5.81 -14.92
CA ARG A 111 -21.35 -4.39 -15.00
C ARG A 111 -20.68 -3.88 -13.72
N GLY A 112 -19.98 -2.76 -13.82
CA GLY A 112 -19.28 -2.16 -12.69
C GLY A 112 -19.72 -0.71 -12.50
N TYR A 113 -19.40 -0.13 -11.36
CA TYR A 113 -19.79 1.22 -11.04
C TYR A 113 -18.78 1.90 -10.19
N HIS A 114 -18.60 3.18 -10.43
CA HIS A 114 -17.79 3.97 -9.56
C HIS A 114 -18.23 5.38 -9.72
N GLN A 115 -18.96 5.88 -8.75
CA GLN A 115 -19.44 7.26 -8.82
C GLN A 115 -19.22 8.06 -7.60
N TYR A 116 -19.15 9.37 -7.79
CA TYR A 116 -18.83 10.32 -6.72
C TYR A 116 -19.85 11.52 -6.75
N ALA A 117 -20.25 12.00 -5.56
CA ALA A 117 -21.20 13.11 -5.44
C ALA A 117 -20.70 14.14 -4.47
N TYR A 118 -21.06 15.40 -4.72
CA TYR A 118 -20.71 16.49 -3.82
C TYR A 118 -21.98 17.25 -3.44
N ASP A 119 -22.22 17.41 -2.14
CA ASP A 119 -23.41 18.12 -1.64
C ASP A 119 -24.68 17.56 -2.20
N GLY A 120 -24.74 16.24 -2.34
CA GLY A 120 -25.93 15.57 -2.82
C GLY A 120 -26.16 15.49 -4.31
N LYS A 121 -25.22 16.04 -5.11
CA LYS A 121 -25.36 16.01 -6.60
C LYS A 121 -24.22 15.31 -7.24
N ASP A 122 -24.47 14.76 -8.44
CA ASP A 122 -23.45 14.09 -9.22
C ASP A 122 -22.30 15.00 -9.42
N TYR A 123 -21.09 14.51 -9.22
CA TYR A 123 -19.90 15.30 -9.44
C TYR A 123 -19.06 14.65 -10.60
N ILE A 124 -18.74 13.37 -10.44
CA ILE A 124 -18.05 12.63 -11.47
C ILE A 124 -18.43 11.17 -11.36
N ALA A 125 -18.56 10.52 -12.51
CA ALA A 125 -18.92 9.14 -12.56
C ALA A 125 -18.20 8.42 -13.70
N LEU A 126 -17.98 7.14 -13.50
CA LEU A 126 -17.34 6.33 -14.49
C LEU A 126 -18.46 5.75 -15.37
N LYS A 127 -18.43 6.06 -16.65
CA LYS A 127 -19.45 5.58 -17.58
C LYS A 127 -19.54 4.07 -17.65
N GLU A 128 -20.70 3.60 -18.05
CA GLU A 128 -21.03 2.19 -18.20
C GLU A 128 -19.86 1.34 -18.81
N ASP A 129 -19.18 1.86 -19.85
CA ASP A 129 -18.07 1.12 -20.49
C ASP A 129 -16.79 1.10 -19.64
N LEU A 130 -16.82 1.77 -18.50
CA LEU A 130 -15.66 1.80 -17.60
C LEU A 130 -14.41 2.39 -18.23
N ARG A 131 -14.58 3.27 -19.19
CA ARG A 131 -13.46 3.90 -19.85
C ARG A 131 -13.55 5.40 -19.91
N SER A 132 -14.76 5.93 -19.77
CA SER A 132 -14.99 7.37 -19.88
C SER A 132 -15.57 7.95 -18.61
N TRP A 133 -15.30 9.23 -18.40
CA TRP A 133 -15.77 9.92 -17.25
C TRP A 133 -16.85 10.92 -17.58
N THR A 134 -17.90 10.91 -16.76
CA THR A 134 -19.00 11.87 -16.88
C THR A 134 -18.80 12.91 -15.85
N ALA A 135 -18.34 14.07 -16.26
CA ALA A 135 -18.05 15.14 -15.35
C ALA A 135 -19.21 16.12 -15.29
N ALA A 136 -19.76 16.27 -14.08
CA ALA A 136 -20.90 17.16 -13.85
C ALA A 136 -20.74 18.61 -14.41
N ASP A 137 -19.65 19.29 -14.05
CA ASP A 137 -19.42 20.71 -14.43
C ASP A 137 -17.92 21.06 -14.67
N MET A 138 -17.59 22.35 -14.59
CA MET A 138 -16.21 22.82 -14.79
C MET A 138 -15.27 22.24 -13.77
N ALA A 139 -15.65 22.29 -12.50
CA ALA A 139 -14.79 21.75 -11.42
C ALA A 139 -14.48 20.27 -11.66
N ALA A 140 -15.51 19.50 -11.99
CA ALA A 140 -15.34 18.08 -12.21
C ALA A 140 -14.45 17.79 -13.45
N GLN A 141 -14.45 18.69 -14.43
CA GLN A 141 -13.57 18.51 -15.59
C GLN A 141 -12.11 18.51 -15.14
N THR A 142 -11.82 19.30 -14.12
CA THR A 142 -10.46 19.39 -13.59
C THR A 142 -10.06 18.04 -13.02
N THR A 143 -10.95 17.48 -12.23
CA THR A 143 -10.74 16.22 -11.65
C THR A 143 -10.61 15.18 -12.76
N LYS A 144 -11.51 15.25 -13.75
CA LYS A 144 -11.52 14.34 -14.86
C LYS A 144 -10.19 14.31 -15.56
N HIS A 145 -9.60 15.46 -15.75
CA HIS A 145 -8.34 15.53 -16.40
C HIS A 145 -7.22 14.90 -15.58
N LYS A 146 -7.22 15.05 -14.26
CA LYS A 146 -6.16 14.46 -13.49
C LYS A 146 -6.36 12.93 -13.38
N TRP A 147 -7.61 12.50 -13.26
CA TRP A 147 -7.91 11.06 -13.16
C TRP A 147 -7.58 10.36 -14.49
N GLU A 148 -7.62 11.10 -15.59
CA GLU A 148 -7.23 10.54 -16.87
C GLU A 148 -5.70 10.46 -16.96
N ALA A 149 -5.02 11.48 -16.43
CA ALA A 149 -3.54 11.52 -16.49
C ALA A 149 -2.92 10.38 -15.67
N ALA A 150 -3.63 9.98 -14.63
CA ALA A 150 -3.17 8.96 -13.69
C ALA A 150 -3.79 7.57 -13.98
N HIS A 151 -4.61 7.49 -15.03
CA HIS A 151 -5.26 6.27 -15.43
C HIS A 151 -6.05 5.64 -14.34
N VAL A 152 -6.91 6.42 -13.74
CA VAL A 152 -7.76 5.95 -12.70
C VAL A 152 -8.74 4.88 -13.22
N ALA A 153 -9.31 5.13 -14.40
CA ALA A 153 -10.29 4.22 -14.99
C ALA A 153 -9.69 2.78 -15.29
N GLU A 154 -8.43 2.73 -15.73
CA GLU A 154 -7.73 1.41 -15.99
C GLU A 154 -7.64 0.65 -14.62
N GLN A 155 -7.17 1.34 -13.60
CA GLN A 155 -7.09 0.76 -12.24
C GLN A 155 -8.49 0.22 -11.80
N LEU A 156 -9.53 1.06 -11.95
CA LEU A 156 -10.91 0.66 -11.52
C LEU A 156 -11.42 -0.48 -12.37
N ARG A 157 -11.05 -0.49 -13.66
CA ARG A 157 -11.40 -1.58 -14.54
C ARG A 157 -10.80 -2.88 -13.98
N ALA A 158 -9.57 -2.83 -13.48
CA ALA A 158 -8.93 -4.02 -12.94
C ALA A 158 -9.64 -4.46 -11.64
N TYR A 159 -10.00 -3.50 -10.81
CA TYR A 159 -10.68 -3.82 -9.59
C TYR A 159 -12.07 -4.35 -9.83
N LEU A 160 -12.87 -3.59 -10.59
CA LEU A 160 -14.29 -3.92 -10.84
C LEU A 160 -14.55 -5.18 -11.61
N GLU A 161 -13.74 -5.46 -12.61
CA GLU A 161 -13.93 -6.67 -13.44
C GLU A 161 -13.30 -7.92 -12.84
N GLY A 162 -12.20 -7.74 -12.10
CA GLY A 162 -11.46 -8.88 -11.50
C GLY A 162 -11.64 -9.02 -9.96
N THR A 163 -10.90 -8.22 -9.20
CA THR A 163 -10.93 -8.32 -7.77
C THR A 163 -12.32 -8.35 -7.16
N CYS A 164 -13.18 -7.42 -7.56
CA CYS A 164 -14.55 -7.32 -6.98
C CYS A 164 -15.45 -8.54 -7.29
N VAL A 165 -15.36 -9.08 -8.48
CA VAL A 165 -16.16 -10.24 -8.81
C VAL A 165 -15.55 -11.50 -8.18
N GLU A 166 -14.23 -11.54 -8.05
CA GLU A 166 -13.60 -12.73 -7.46
C GLU A 166 -13.96 -12.80 -5.98
N TRP A 167 -13.97 -11.65 -5.32
CA TRP A 167 -14.34 -11.62 -3.95
C TRP A 167 -15.86 -11.81 -3.75
N LEU A 168 -16.65 -11.32 -4.70
CA LEU A 168 -18.11 -11.53 -4.64
C LEU A 168 -18.38 -13.03 -4.70
N ARG A 169 -17.73 -13.72 -5.63
CA ARG A 169 -17.87 -15.14 -5.72
C ARG A 169 -17.46 -15.83 -4.41
N ARG A 170 -16.36 -15.38 -3.79
CA ARG A 170 -15.88 -16.02 -2.56
C ARG A 170 -16.90 -15.83 -1.45
N TYR A 171 -17.37 -14.60 -1.28
CA TYR A 171 -18.33 -14.33 -0.26
C TYR A 171 -19.62 -15.17 -0.44
N LEU A 172 -20.17 -15.19 -1.67
CA LEU A 172 -21.41 -16.00 -1.95
C LEU A 172 -21.17 -17.44 -1.53
N GLU A 173 -19.97 -17.94 -1.81
CA GLU A 173 -19.62 -19.32 -1.46
C GLU A 173 -19.53 -19.50 0.05
N ASN A 174 -18.74 -18.67 0.70
CA ASN A 174 -18.58 -18.75 2.17
C ASN A 174 -19.92 -18.66 2.92
N GLY A 175 -20.83 -17.83 2.43
CA GLY A 175 -22.11 -17.63 3.10
C GLY A 175 -23.28 -18.15 2.33
N LYS A 176 -23.13 -19.32 1.72
CA LYS A 176 -24.19 -19.92 0.92
C LYS A 176 -25.42 -20.24 1.75
N GLU A 177 -25.23 -20.33 3.07
CA GLU A 177 -26.32 -20.66 3.98
C GLU A 177 -27.25 -19.46 4.13
N THR A 178 -26.71 -18.26 3.89
CA THR A 178 -27.45 -17.00 4.05
C THR A 178 -27.64 -16.23 2.74
N LEU A 179 -26.53 -15.85 2.10
CA LEU A 179 -26.57 -15.06 0.84
C LEU A 179 -27.22 -15.80 -0.34
N GLN A 180 -26.97 -17.08 -0.44
CA GLN A 180 -27.46 -17.87 -1.56
C GLN A 180 -28.77 -18.61 -1.21
N ARG A 181 -29.61 -17.96 -0.41
CA ARG A 181 -30.89 -18.51 -0.01
C ARG A 181 -31.99 -17.63 -0.62
N THR A 182 -33.24 -17.96 -0.31
CA THR A 182 -34.38 -17.17 -0.78
C THR A 182 -35.56 -17.40 0.14
N ASP A 183 -36.00 -16.33 0.81
CA ASP A 183 -37.14 -16.43 1.71
C ASP A 183 -38.40 -16.00 1.00
N ALA A 184 -39.39 -16.89 0.98
CA ALA A 184 -40.68 -16.60 0.35
C ALA A 184 -41.47 -15.62 1.20
N PRO A 185 -42.17 -14.67 0.55
CA PRO A 185 -42.96 -13.69 1.33
C PRO A 185 -44.25 -14.26 1.89
N LYS A 186 -44.61 -13.86 3.12
CA LYS A 186 -45.87 -14.27 3.74
C LYS A 186 -46.92 -13.21 3.40
N THR A 187 -47.75 -13.50 2.40
CA THR A 187 -48.76 -12.54 1.91
C THR A 187 -50.07 -12.51 2.72
N HIS A 188 -50.81 -11.39 2.55
CA HIS A 188 -52.12 -11.17 3.22
C HIS A 188 -53.00 -10.18 2.42
N MET A 189 -54.25 -10.01 2.87
CA MET A 189 -55.22 -9.10 2.25
C MET A 189 -55.95 -8.32 3.35
N THR A 190 -55.82 -6.99 3.34
CA THR A 190 -56.47 -6.15 4.37
C THR A 190 -57.28 -5.03 3.72
N HIS A 191 -58.59 -5.02 3.98
CA HIS A 191 -59.48 -4.00 3.43
C HIS A 191 -60.49 -3.54 4.48
N HIS A 192 -60.34 -2.31 4.94
CA HIS A 192 -61.24 -1.76 5.96
C HIS A 192 -62.05 -0.60 5.44
N ALA A 193 -63.35 -0.62 5.74
CA ALA A 193 -64.25 0.45 5.34
C ALA A 193 -64.44 1.42 6.52
N VAL A 194 -64.01 0.99 7.71
CA VAL A 194 -64.11 1.81 8.95
C VAL A 194 -65.38 2.71 9.00
N SER A 195 -65.24 3.98 8.61
CA SER A 195 -66.36 4.93 8.62
C SER A 195 -67.15 4.93 7.30
N ASP A 196 -66.47 5.26 6.20
CA ASP A 196 -67.11 5.28 4.87
C ASP A 196 -66.87 3.96 4.11
N HIS A 197 -67.95 3.43 3.52
CA HIS A 197 -67.91 2.15 2.80
C HIS A 197 -66.73 1.95 1.81
N GLU A 198 -66.86 2.54 0.61
CA GLU A 198 -65.82 2.39 -0.45
C GLU A 198 -64.62 1.57 0.04
N ALA A 199 -64.56 0.31 -0.38
CA ALA A 199 -63.49 -0.60 0.03
C ALA A 199 -62.19 -0.36 -0.73
N THR A 200 -61.08 -0.64 -0.07
CA THR A 200 -59.74 -0.52 -0.66
C THR A 200 -59.08 -1.91 -0.61
N LEU A 201 -57.78 -2.00 -0.92
CA LEU A 201 -57.08 -3.30 -0.88
C LEU A 201 -55.60 -3.19 -1.27
N ARG A 202 -54.73 -3.83 -0.48
CA ARG A 202 -53.29 -3.85 -0.79
C ARG A 202 -52.70 -5.26 -0.61
N CYS A 203 -51.72 -5.59 -1.44
CA CYS A 203 -51.07 -6.89 -1.40
C CYS A 203 -49.91 -6.87 -0.42
N TRP A 204 -50.08 -7.54 0.71
CA TRP A 204 -49.00 -7.61 1.72
C TRP A 204 -47.94 -8.65 1.36
N ALA A 205 -46.74 -8.45 1.90
CA ALA A 205 -45.62 -9.34 1.68
C ALA A 205 -44.67 -9.15 2.86
N LEU A 206 -44.53 -10.19 3.69
CA LEU A 206 -43.67 -10.11 4.89
C LEU A 206 -42.57 -11.19 4.95
N SER A 207 -41.44 -10.81 5.55
CA SER A 207 -40.29 -11.71 5.77
C SER A 207 -39.72 -12.30 4.47
N PHE A 208 -39.53 -11.46 3.46
CA PHE A 208 -38.98 -11.93 2.18
C PHE A 208 -37.56 -11.42 1.93
N TYR A 209 -36.77 -12.24 1.23
CA TYR A 209 -35.42 -11.90 0.86
C TYR A 209 -35.09 -12.56 -0.49
N PRO A 210 -34.43 -11.82 -1.42
CA PRO A 210 -33.97 -10.42 -1.30
C PRO A 210 -35.10 -9.36 -1.29
N ALA A 211 -34.76 -8.10 -1.53
CA ALA A 211 -35.74 -6.99 -1.48
C ALA A 211 -36.51 -6.71 -2.79
N GLU A 212 -36.06 -7.30 -3.90
CA GLU A 212 -36.73 -7.07 -5.21
C GLU A 212 -38.09 -7.77 -5.34
N ILE A 213 -39.13 -6.97 -5.57
CA ILE A 213 -40.50 -7.47 -5.76
C ILE A 213 -41.22 -6.56 -6.73
N THR A 214 -42.00 -7.15 -7.63
CA THR A 214 -42.75 -6.35 -8.61
C THR A 214 -44.23 -6.68 -8.53
N LEU A 215 -44.86 -6.36 -7.39
CA LEU A 215 -46.30 -6.61 -7.22
C LEU A 215 -47.10 -5.51 -7.91
N THR A 216 -48.24 -5.88 -8.51
CA THR A 216 -49.11 -4.92 -9.22
C THR A 216 -50.58 -5.39 -9.22
N TRP A 217 -51.50 -4.41 -9.32
CA TRP A 217 -52.96 -4.70 -9.31
C TRP A 217 -53.62 -4.62 -10.67
N GLN A 218 -54.53 -5.58 -10.93
CA GLN A 218 -55.33 -5.62 -12.18
C GLN A 218 -56.33 -6.79 -12.16
N ARG A 219 -57.45 -6.61 -12.86
CA ARG A 219 -58.50 -7.64 -12.91
C ARG A 219 -58.75 -8.07 -14.37
N ASP A 220 -58.24 -9.24 -14.74
CA ASP A 220 -58.45 -9.77 -16.10
C ASP A 220 -58.02 -8.75 -17.18
N GLY A 221 -56.91 -8.03 -16.94
CA GLY A 221 -56.43 -7.00 -17.89
C GLY A 221 -54.95 -7.09 -18.20
N GLU A 222 -54.46 -6.14 -19.01
CA GLU A 222 -53.04 -6.09 -19.40
C GLU A 222 -52.22 -5.16 -18.46
N ASP A 223 -50.90 -5.36 -18.44
CA ASP A 223 -49.97 -4.61 -17.53
C ASP A 223 -50.04 -3.04 -17.57
N GLN A 224 -51.18 -2.48 -17.12
CA GLN A 224 -51.39 -1.00 -17.02
C GLN A 224 -52.26 -0.66 -15.80
N THR A 225 -51.72 0.15 -14.89
CA THR A 225 -52.44 0.56 -13.67
C THR A 225 -52.26 2.05 -13.38
N GLN A 226 -53.28 2.66 -12.77
CA GLN A 226 -53.24 4.09 -12.42
C GLN A 226 -53.75 4.33 -10.98
N ASP A 227 -52.81 4.64 -10.08
CA ASP A 227 -53.14 4.92 -8.68
C ASP A 227 -52.23 6.03 -8.17
N THR A 228 -52.46 6.50 -6.94
CA THR A 228 -51.66 7.58 -6.37
C THR A 228 -51.06 7.21 -5.00
N GLU A 229 -50.97 5.90 -4.72
CA GLU A 229 -50.41 5.45 -3.45
C GLU A 229 -49.91 4.01 -3.48
N LEU A 230 -48.73 3.82 -2.88
CA LEU A 230 -48.07 2.51 -2.74
C LEU A 230 -46.85 2.75 -1.86
N VAL A 231 -46.33 1.71 -1.23
CA VAL A 231 -45.18 1.86 -0.34
C VAL A 231 -43.94 1.17 -0.88
N GLU A 232 -42.80 1.82 -0.72
CA GLU A 232 -41.53 1.26 -1.17
C GLU A 232 -41.07 0.18 -0.19
N THR A 233 -40.26 -0.76 -0.67
CA THR A 233 -39.73 -1.82 0.18
C THR A 233 -39.01 -1.20 1.37
N ARG A 234 -39.17 -1.81 2.55
CA ARG A 234 -38.55 -1.30 3.76
C ARG A 234 -37.97 -2.44 4.60
N PRO A 235 -36.89 -2.16 5.35
CA PRO A 235 -36.24 -3.20 6.19
C PRO A 235 -37.05 -3.57 7.42
N ALA A 236 -36.97 -4.82 7.83
CA ALA A 236 -37.67 -5.32 9.02
C ALA A 236 -36.74 -5.31 10.25
N GLY A 237 -35.43 -5.51 10.02
CA GLY A 237 -34.44 -5.52 11.10
C GLY A 237 -33.84 -6.91 11.31
N ASP A 238 -34.67 -7.94 11.14
CA ASP A 238 -34.21 -9.34 11.30
C ASP A 238 -33.36 -9.73 10.07
N GLY A 239 -33.33 -8.85 9.07
CA GLY A 239 -32.58 -9.09 7.84
C GLY A 239 -33.52 -9.25 6.66
N THR A 240 -34.82 -9.34 6.96
CA THR A 240 -35.84 -9.49 5.93
C THR A 240 -36.41 -8.11 5.54
N PHE A 241 -37.43 -8.12 4.68
CA PHE A 241 -38.07 -6.89 4.20
C PHE A 241 -39.63 -7.04 4.15
N GLN A 242 -40.33 -5.93 3.92
CA GLN A 242 -41.82 -5.96 3.83
C GLN A 242 -42.37 -4.76 3.02
N LYS A 243 -43.34 -5.05 2.12
CA LYS A 243 -43.93 -4.02 1.21
C LYS A 243 -45.41 -4.30 0.88
N TRP A 244 -46.09 -3.28 0.32
CA TRP A 244 -47.51 -3.43 -0.11
C TRP A 244 -47.87 -2.42 -1.22
N ALA A 245 -48.97 -2.70 -1.94
CA ALA A 245 -49.45 -1.81 -3.04
C ALA A 245 -50.96 -1.61 -2.93
N ALA A 246 -51.40 -0.34 -2.85
CA ALA A 246 -52.84 -0.04 -2.69
C ALA A 246 -53.54 0.40 -3.99
N VAL A 247 -54.83 0.07 -4.07
CA VAL A 247 -55.67 0.43 -5.22
C VAL A 247 -57.14 0.54 -4.71
N VAL A 248 -57.89 1.51 -5.22
CA VAL A 248 -59.29 1.73 -4.78
C VAL A 248 -60.31 1.02 -5.70
N VAL A 249 -61.31 0.37 -5.08
CA VAL A 249 -62.35 -0.37 -5.82
C VAL A 249 -63.77 0.01 -5.31
N PRO A 250 -64.86 -0.41 -6.05
CA PRO A 250 -66.24 -0.09 -5.66
C PRO A 250 -66.64 -0.60 -4.26
N SER A 251 -67.70 -0.01 -3.70
CA SER A 251 -68.21 -0.36 -2.34
C SER A 251 -68.71 -1.82 -2.23
N GLY A 252 -69.19 -2.18 -1.03
CA GLY A 252 -69.71 -3.53 -0.76
C GLY A 252 -68.67 -4.42 -0.09
N GLN A 253 -68.80 -5.73 -0.31
CA GLN A 253 -67.87 -6.71 0.24
C GLN A 253 -66.70 -6.86 -0.72
N GLU A 254 -65.74 -7.73 -0.38
CA GLU A 254 -64.57 -7.92 -1.23
C GLU A 254 -64.97 -8.47 -2.61
N GLN A 255 -64.63 -7.71 -3.67
CA GLN A 255 -64.93 -8.07 -5.05
C GLN A 255 -63.93 -9.11 -5.60
N ARG A 256 -63.91 -9.29 -6.93
CA ARG A 256 -63.01 -10.25 -7.59
C ARG A 256 -61.85 -9.53 -8.32
N TYR A 257 -60.67 -9.49 -7.67
CA TYR A 257 -59.46 -8.83 -8.24
C TYR A 257 -58.20 -9.69 -7.99
N THR A 258 -57.34 -9.79 -9.02
CA THR A 258 -56.11 -10.60 -8.93
C THR A 258 -54.87 -9.76 -8.63
N CYS A 259 -54.00 -10.30 -7.77
CA CYS A 259 -52.76 -9.63 -7.40
C CYS A 259 -51.56 -10.40 -7.96
N HIS A 260 -50.80 -9.75 -8.86
CA HIS A 260 -49.62 -10.38 -9.47
C HIS A 260 -48.33 -10.07 -8.67
N VAL A 261 -47.86 -11.06 -7.91
CA VAL A 261 -46.64 -10.91 -7.08
C VAL A 261 -45.44 -11.59 -7.74
N GLN A 262 -44.38 -10.83 -7.96
CA GLN A 262 -43.15 -11.38 -8.55
C GLN A 262 -42.00 -11.32 -7.56
N HIS A 263 -41.46 -12.48 -7.22
CA HIS A 263 -40.34 -12.56 -6.29
C HIS A 263 -39.51 -13.79 -6.62
N GLU A 264 -38.19 -13.66 -6.45
CA GLU A 264 -37.28 -14.75 -6.74
C GLU A 264 -37.48 -15.92 -5.76
N GLY A 265 -37.02 -17.10 -6.14
CA GLY A 265 -37.16 -18.29 -5.31
C GLY A 265 -38.59 -18.78 -5.29
N LEU A 266 -39.52 -17.85 -5.04
CA LEU A 266 -40.95 -18.16 -5.02
C LEU A 266 -41.26 -19.17 -6.12
N PRO A 267 -41.95 -20.27 -5.78
CA PRO A 267 -42.28 -21.29 -6.77
C PRO A 267 -42.88 -20.71 -8.05
N LYS A 268 -44.02 -20.02 -7.93
CA LYS A 268 -44.70 -19.42 -9.10
C LYS A 268 -45.42 -18.13 -8.68
N PRO A 269 -45.54 -17.16 -9.63
CA PRO A 269 -46.23 -15.90 -9.35
C PRO A 269 -47.50 -16.12 -8.52
N LEU A 270 -47.43 -15.79 -7.23
CA LEU A 270 -48.53 -15.97 -6.30
C LEU A 270 -49.64 -14.93 -6.50
N THR A 271 -50.89 -15.38 -6.32
CA THR A 271 -52.07 -14.49 -6.44
C THR A 271 -53.14 -14.95 -5.43
N LEU A 272 -53.11 -14.34 -4.22
CA LEU A 272 -54.06 -14.71 -3.15
C LEU A 272 -55.52 -14.34 -3.49
N ARG A 273 -56.42 -15.29 -3.30
CA ARG A 273 -57.85 -15.08 -3.59
C ARG A 273 -58.56 -14.37 -2.43
N TRP A 274 -58.92 -15.12 -1.39
CA TRP A 274 -59.62 -14.56 -0.23
C TRP A 274 -60.85 -13.75 -0.68
N GLU A 275 -61.91 -14.46 -1.05
CA GLU A 275 -63.15 -13.84 -1.51
C GLU A 275 -64.21 -13.66 -0.39
N PRO A 276 -64.03 -14.36 0.77
CA PRO A 276 -65.01 -14.19 1.85
C PRO A 276 -65.04 -12.76 2.39
N MET B 1 -25.65 22.37 -4.25
CA MET B 1 -26.44 22.00 -3.06
C MET B 1 -27.83 21.52 -3.32
N ILE B 2 -28.14 20.38 -2.74
CA ILE B 2 -29.44 19.92 -2.76
C ILE B 2 -29.75 19.39 -1.41
N GLN B 3 -30.91 19.79 -0.89
CA GLN B 3 -31.41 19.28 0.37
C GLN B 3 -32.66 18.53 0.04
N ARG B 4 -32.89 17.41 0.69
CA ARG B 4 -34.07 16.59 0.37
C ARG B 4 -34.76 16.26 1.67
N THR B 5 -36.09 16.40 1.69
CA THR B 5 -36.82 16.17 2.92
C THR B 5 -37.17 14.68 3.04
N PRO B 6 -37.00 14.14 4.22
CA PRO B 6 -37.21 12.75 4.46
C PRO B 6 -38.63 12.24 4.37
N LYS B 7 -38.75 10.98 3.92
CA LYS B 7 -40.02 10.28 3.93
C LYS B 7 -39.96 9.50 5.22
N ILE B 8 -41.10 9.32 5.88
CA ILE B 8 -41.14 8.63 7.15
C ILE B 8 -42.18 7.54 7.17
N GLN B 9 -41.77 6.35 7.59
CA GLN B 9 -42.70 5.23 7.73
C GLN B 9 -42.49 4.60 9.05
N VAL B 10 -43.57 4.29 9.73
CA VAL B 10 -43.49 3.65 11.00
C VAL B 10 -44.31 2.35 10.94
N TYR B 11 -43.69 1.26 11.36
CA TYR B 11 -44.30 -0.08 11.32
C TYR B 11 -43.60 -0.99 12.28
N SER B 12 -44.10 -2.23 12.40
CA SER B 12 -43.49 -3.25 13.30
C SER B 12 -42.77 -4.35 12.52
N ARG B 13 -41.80 -4.97 13.18
CA ARG B 13 -41.01 -6.09 12.59
C ARG B 13 -41.96 -7.26 12.23
N HIS B 14 -42.62 -7.84 13.24
CA HIS B 14 -43.61 -8.92 13.03
C HIS B 14 -45.03 -8.37 13.21
N PRO B 15 -46.03 -9.11 12.68
CA PRO B 15 -47.43 -8.71 12.79
C PRO B 15 -47.79 -8.31 14.22
N ALA B 16 -48.40 -7.13 14.36
CA ALA B 16 -48.77 -6.61 15.66
C ALA B 16 -49.80 -7.46 16.36
N GLU B 17 -49.49 -7.83 17.60
CA GLU B 17 -50.41 -8.60 18.43
C GLU B 17 -50.17 -8.22 19.88
N ASN B 18 -51.24 -7.84 20.57
CA ASN B 18 -51.15 -7.42 21.96
C ASN B 18 -50.61 -8.49 22.88
N GLY B 19 -49.69 -8.10 23.76
CA GLY B 19 -49.13 -9.02 24.75
C GLY B 19 -47.78 -9.63 24.43
N LYS B 20 -47.48 -9.83 23.14
CA LYS B 20 -46.19 -10.47 22.75
C LYS B 20 -45.17 -9.48 22.15
N SER B 21 -43.92 -9.60 22.62
CA SER B 21 -42.83 -8.71 22.24
C SER B 21 -42.38 -8.77 20.79
N ASN B 22 -41.89 -7.64 20.30
CA ASN B 22 -41.32 -7.52 18.96
C ASN B 22 -40.57 -6.20 18.85
N PHE B 23 -40.38 -5.72 17.64
CA PHE B 23 -39.62 -4.48 17.43
C PHE B 23 -40.44 -3.41 16.71
N LEU B 24 -40.28 -2.17 17.15
CA LEU B 24 -40.95 -1.03 16.53
C LEU B 24 -39.96 -0.35 15.63
N ASN B 25 -40.36 -0.10 14.39
CA ASN B 25 -39.46 0.50 13.41
C ASN B 25 -39.92 1.82 12.82
N CYS B 26 -38.94 2.72 12.61
CA CYS B 26 -39.18 4.00 11.98
C CYS B 26 -38.10 4.14 10.91
N TYR B 27 -38.53 4.07 9.67
CA TYR B 27 -37.65 4.10 8.56
C TYR B 27 -37.67 5.46 7.85
N VAL B 28 -36.56 6.18 7.94
CA VAL B 28 -36.45 7.47 7.28
C VAL B 28 -35.58 7.31 6.04
N SER B 29 -36.02 7.89 4.92
CA SER B 29 -35.31 7.79 3.67
C SER B 29 -35.51 8.98 2.75
N GLY B 30 -34.71 9.04 1.69
CA GLY B 30 -34.77 10.10 0.69
C GLY B 30 -34.32 11.48 1.20
N PHE B 31 -33.52 11.52 2.24
CA PHE B 31 -33.10 12.81 2.82
C PHE B 31 -31.67 13.20 2.60
N HIS B 32 -31.39 14.49 2.77
CA HIS B 32 -30.05 15.02 2.58
C HIS B 32 -30.03 16.44 3.08
N PRO B 33 -29.04 16.81 3.86
CA PRO B 33 -27.88 16.05 4.37
C PRO B 33 -28.24 14.96 5.35
N SER B 34 -27.22 14.25 5.82
CA SER B 34 -27.39 13.10 6.67
C SER B 34 -27.81 13.36 8.09
N ASP B 35 -27.44 14.52 8.65
CA ASP B 35 -27.83 14.82 10.04
C ASP B 35 -29.33 14.79 10.14
N ILE B 36 -29.83 14.05 11.13
CA ILE B 36 -31.24 13.92 11.32
C ILE B 36 -31.54 13.43 12.74
N GLU B 37 -32.67 13.86 13.29
CA GLU B 37 -33.08 13.42 14.63
C GLU B 37 -34.25 12.59 14.49
N VAL B 38 -34.20 11.40 15.06
CA VAL B 38 -35.30 10.48 15.02
C VAL B 38 -35.53 9.96 16.39
N ASP B 39 -36.74 10.08 16.88
CA ASP B 39 -37.05 9.56 18.21
C ASP B 39 -38.26 8.69 18.15
N LEU B 40 -38.29 7.69 18.99
CA LEU B 40 -39.41 6.82 19.08
C LEU B 40 -40.12 7.23 20.32
N LEU B 41 -41.42 7.47 20.20
CA LEU B 41 -42.19 7.93 21.33
C LEU B 41 -43.14 6.87 21.89
N LYS B 42 -43.18 6.80 23.23
CA LYS B 42 -44.06 5.89 23.97
C LYS B 42 -45.09 6.75 24.69
N ASN B 43 -46.28 6.88 24.11
CA ASN B 43 -47.35 7.75 24.68
C ASN B 43 -46.86 9.19 24.82
N GLY B 44 -46.07 9.62 23.83
CA GLY B 44 -45.52 10.97 23.83
C GLY B 44 -44.18 11.06 24.56
N GLU B 45 -43.86 10.05 25.36
CA GLU B 45 -42.61 10.01 26.11
C GLU B 45 -41.55 9.34 25.22
N ARG B 46 -40.39 9.98 25.09
CA ARG B 46 -39.33 9.41 24.23
C ARG B 46 -38.75 8.13 24.80
N ILE B 47 -38.72 7.09 23.98
CA ILE B 47 -38.17 5.80 24.38
C ILE B 47 -36.67 5.88 24.30
N GLU B 48 -35.98 5.44 25.34
CA GLU B 48 -34.54 5.47 25.31
C GLU B 48 -34.10 4.09 24.75
N LYS B 49 -32.80 3.83 24.76
CA LYS B 49 -32.25 2.55 24.28
C LYS B 49 -32.63 2.29 22.80
N VAL B 50 -32.73 3.36 22.00
CA VAL B 50 -33.09 3.22 20.60
C VAL B 50 -31.86 2.96 19.77
N GLU B 51 -31.93 1.98 18.88
CA GLU B 51 -30.79 1.62 18.02
C GLU B 51 -31.09 1.99 16.56
N HIS B 52 -30.06 2.16 15.75
CA HIS B 52 -30.26 2.51 14.33
C HIS B 52 -29.21 1.86 13.40
N SER B 53 -29.60 1.69 12.15
CA SER B 53 -28.73 1.09 11.15
C SER B 53 -27.57 2.02 10.82
N ASP B 54 -26.54 1.47 10.16
CA ASP B 54 -25.41 2.27 9.71
C ASP B 54 -25.82 3.06 8.50
N LEU B 55 -25.48 4.34 8.49
CA LEU B 55 -25.86 5.24 7.40
C LEU B 55 -25.44 4.71 5.99
N SER B 56 -26.37 4.82 5.05
CA SER B 56 -26.14 4.41 3.67
C SER B 56 -26.99 5.29 2.78
N PHE B 57 -26.96 5.06 1.47
CA PHE B 57 -27.72 5.89 0.53
C PHE B 57 -28.02 5.14 -0.74
N SER B 58 -28.98 5.66 -1.51
CA SER B 58 -29.42 5.03 -2.74
C SER B 58 -28.88 5.72 -4.00
N LYS B 59 -29.30 5.23 -5.18
CA LYS B 59 -28.83 5.78 -6.48
C LYS B 59 -28.74 7.30 -6.54
N ASP B 60 -29.79 7.98 -6.07
CA ASP B 60 -29.83 9.46 -6.12
C ASP B 60 -29.04 10.12 -4.99
N TRP B 61 -28.29 9.32 -4.25
CA TRP B 61 -27.44 9.82 -3.17
C TRP B 61 -28.20 10.15 -1.89
N SER B 62 -29.52 10.00 -1.90
CA SER B 62 -30.34 10.30 -0.68
C SER B 62 -30.10 9.26 0.35
N PHE B 63 -30.06 9.67 1.62
CA PHE B 63 -29.78 8.74 2.75
C PHE B 63 -31.02 8.01 3.30
N TYR B 64 -30.77 6.88 3.96
CA TYR B 64 -31.82 6.09 4.64
C TYR B 64 -31.27 5.47 5.93
N LEU B 65 -32.11 5.43 6.94
CA LEU B 65 -31.74 4.86 8.23
C LEU B 65 -32.92 4.20 8.79
N LEU B 66 -32.69 3.16 9.56
CA LEU B 66 -33.74 2.45 10.19
C LEU B 66 -33.52 2.48 11.68
N TYR B 67 -34.40 3.20 12.41
CA TYR B 67 -34.33 3.25 13.89
C TYR B 67 -35.30 2.22 14.43
N TYR B 68 -34.93 1.56 15.52
CA TYR B 68 -35.77 0.51 16.09
C TYR B 68 -35.43 0.22 17.54
N THR B 69 -36.33 -0.49 18.19
CA THR B 69 -36.16 -0.89 19.60
C THR B 69 -37.22 -1.93 19.91
N GLU B 70 -36.92 -2.88 20.77
CA GLU B 70 -37.90 -3.89 21.10
C GLU B 70 -38.95 -3.26 21.97
N PHE B 71 -40.16 -3.80 21.93
CA PHE B 71 -41.25 -3.27 22.73
C PHE B 71 -42.34 -4.32 22.83
N THR B 72 -43.36 -4.02 23.64
CA THR B 72 -44.49 -4.93 23.83
C THR B 72 -45.79 -4.14 23.65
N PRO B 73 -46.39 -4.21 22.45
CA PRO B 73 -47.63 -3.46 22.13
C PRO B 73 -48.85 -3.87 22.97
N THR B 74 -49.70 -2.90 23.26
CA THR B 74 -50.92 -3.15 24.06
C THR B 74 -52.09 -2.33 23.53
N GLU B 75 -53.24 -2.48 24.18
CA GLU B 75 -54.45 -1.77 23.77
C GLU B 75 -54.42 -0.29 24.16
N LYS B 76 -54.00 0.00 25.39
CA LYS B 76 -53.98 1.38 25.90
C LYS B 76 -52.65 2.11 25.71
N ASP B 77 -52.00 1.91 24.57
CA ASP B 77 -50.74 2.55 24.28
C ASP B 77 -50.59 2.89 22.81
N GLU B 78 -50.11 4.09 22.54
CA GLU B 78 -49.89 4.56 21.20
C GLU B 78 -48.43 4.87 21.05
N TYR B 79 -47.88 4.48 19.91
CA TYR B 79 -46.47 4.74 19.62
C TYR B 79 -46.36 5.65 18.42
N ALA B 80 -45.26 6.39 18.32
CA ALA B 80 -45.05 7.29 17.19
C ALA B 80 -43.59 7.51 16.93
N CYS B 81 -43.28 8.16 15.81
CA CYS B 81 -41.92 8.47 15.47
C CYS B 81 -41.81 9.98 15.24
N ARG B 82 -40.91 10.63 15.98
CA ARG B 82 -40.67 12.05 15.84
C ARG B 82 -39.40 12.28 15.01
N VAL B 83 -39.53 13.06 13.94
CA VAL B 83 -38.39 13.31 13.04
C VAL B 83 -38.17 14.80 12.81
N ASN B 84 -36.92 15.22 12.87
CA ASN B 84 -36.62 16.59 12.56
C ASN B 84 -35.40 16.63 11.67
N HIS B 85 -35.39 17.59 10.74
CA HIS B 85 -34.33 17.71 9.74
C HIS B 85 -34.31 19.17 9.25
N VAL B 86 -33.25 19.62 8.60
CA VAL B 86 -33.19 21.01 8.14
C VAL B 86 -34.27 21.39 7.12
N THR B 87 -34.74 20.42 6.36
CA THR B 87 -35.80 20.64 5.36
C THR B 87 -37.23 20.88 6.01
N LEU B 88 -37.41 20.43 7.25
CA LEU B 88 -38.71 20.60 7.97
C LEU B 88 -38.71 21.93 8.72
N SER B 89 -39.84 22.58 8.78
CA SER B 89 -39.94 23.85 9.49
C SER B 89 -40.30 23.57 10.94
N GLN B 90 -40.64 22.33 11.20
CA GLN B 90 -41.07 21.91 12.49
C GLN B 90 -40.89 20.39 12.55
N PRO B 91 -40.64 19.84 13.74
CA PRO B 91 -40.49 18.40 13.82
C PRO B 91 -41.77 17.73 13.41
N LYS B 92 -41.68 16.61 12.72
CA LYS B 92 -42.87 15.90 12.29
C LYS B 92 -43.10 14.60 13.07
N ILE B 93 -44.32 14.42 13.54
CA ILE B 93 -44.71 13.22 14.30
C ILE B 93 -45.55 12.30 13.41
N VAL B 94 -45.12 11.05 13.23
CA VAL B 94 -45.93 10.10 12.45
C VAL B 94 -46.38 8.95 13.36
N LYS B 95 -47.68 8.83 13.53
CA LYS B 95 -48.27 7.82 14.41
C LYS B 95 -48.13 6.40 13.86
N TRP B 96 -48.16 5.42 14.76
CA TRP B 96 -48.06 4.04 14.35
C TRP B 96 -49.45 3.44 14.15
N ASP B 97 -49.81 3.31 12.89
CA ASP B 97 -51.07 2.73 12.51
C ASP B 97 -50.93 1.21 12.62
N ARG B 98 -51.86 0.57 13.31
CA ARG B 98 -51.81 -0.88 13.51
C ARG B 98 -51.69 -1.67 12.18
N ASP B 99 -52.43 -1.22 11.16
CA ASP B 99 -52.40 -1.89 9.84
C ASP B 99 -51.76 -1.01 8.72
N MET B 100 -50.47 -0.74 8.87
CA MET B 100 -49.68 0.04 7.88
C MET B 100 -48.19 -0.27 8.10
N GLU C 1 -14.25 -6.95 -0.18
CA GLU C 1 -12.88 -6.53 -0.51
C GLU C 1 -12.84 -5.10 -1.07
N LEU C 2 -12.38 -4.16 -0.27
CA LEU C 2 -12.29 -2.76 -0.74
C LEU C 2 -11.28 -2.62 -1.86
N ALA C 3 -11.50 -1.61 -2.71
CA ALA C 3 -10.53 -1.29 -3.79
C ALA C 3 -9.28 -0.83 -3.16
N ALA C 4 -8.15 -1.27 -3.69
CA ALA C 4 -6.84 -0.85 -3.19
C ALA C 4 -6.08 -0.13 -4.28
N ILE C 5 -6.76 0.16 -5.37
CA ILE C 5 -6.21 0.92 -6.45
C ILE C 5 -7.35 1.77 -7.05
N GLY C 6 -7.00 2.75 -7.87
CA GLY C 6 -7.97 3.60 -8.51
C GLY C 6 -8.73 4.56 -7.62
N ILE C 7 -8.21 4.79 -6.42
CA ILE C 7 -8.85 5.69 -5.47
C ILE C 7 -7.96 6.90 -5.19
N LEU C 8 -8.24 7.99 -5.90
CA LEU C 8 -7.47 9.21 -5.78
C LEU C 8 -8.29 10.34 -5.34
N THR C 9 -7.60 11.41 -4.91
CA THR C 9 -8.26 12.60 -4.49
C THR C 9 -8.74 13.29 -5.73
N VAL C 10 -9.77 14.12 -5.58
CA VAL C 10 -10.38 14.83 -6.70
C VAL C 10 -9.53 16.01 -7.14
N LYS D 1 10.00 -12.61 4.47
CA LYS D 1 9.07 -13.21 5.48
C LYS D 1 8.44 -14.48 4.84
N GLN D 2 7.12 -14.69 5.07
CA GLN D 2 6.39 -15.80 4.44
C GLN D 2 5.25 -15.24 3.59
N GLU D 3 4.80 -14.01 3.90
CA GLU D 3 3.78 -13.39 3.12
C GLU D 3 4.25 -13.26 1.66
N VAL D 4 5.52 -12.87 1.46
CA VAL D 4 6.09 -12.79 0.12
C VAL D 4 7.45 -13.54 0.06
N GLU D 5 7.50 -14.59 -0.77
CA GLU D 5 8.67 -15.44 -0.87
C GLU D 5 9.42 -15.37 -2.17
N GLN D 6 10.74 -15.24 -2.08
CA GLN D 6 11.61 -15.25 -3.26
C GLN D 6 12.81 -16.07 -2.90
N ASN D 7 13.39 -16.76 -3.85
CA ASN D 7 14.65 -17.44 -3.61
C ASN D 7 15.65 -16.37 -3.25
N SER D 8 16.63 -16.70 -2.44
CA SER D 8 17.63 -15.72 -2.01
C SER D 8 18.76 -15.51 -3.02
N GLY D 9 19.15 -16.57 -3.69
CA GLY D 9 20.26 -16.51 -4.59
C GLY D 9 21.47 -16.69 -3.73
N PRO D 10 22.63 -16.25 -4.21
CA PRO D 10 22.94 -15.57 -5.48
C PRO D 10 22.63 -16.39 -6.72
N LEU D 11 21.98 -15.75 -7.66
CA LEU D 11 21.59 -16.33 -8.90
C LEU D 11 22.61 -15.81 -9.92
N SER D 12 23.27 -16.68 -10.60
CA SER D 12 24.25 -16.28 -11.59
C SER D 12 23.65 -16.41 -12.98
N VAL D 13 23.96 -15.44 -13.84
CA VAL D 13 23.47 -15.48 -15.25
C VAL D 13 24.54 -14.86 -16.13
N PRO D 14 24.80 -15.47 -17.29
CA PRO D 14 25.83 -14.92 -18.15
C PRO D 14 25.44 -13.59 -18.69
N GLU D 15 26.43 -12.78 -19.01
CA GLU D 15 26.15 -11.52 -19.61
C GLU D 15 25.48 -11.80 -20.94
N GLY D 16 24.41 -11.07 -21.24
CA GLY D 16 23.71 -11.24 -22.49
C GLY D 16 22.47 -12.12 -22.39
N ALA D 17 22.32 -12.82 -21.28
CA ALA D 17 21.20 -13.71 -21.09
C ALA D 17 20.06 -13.06 -20.34
N ILE D 18 18.97 -13.77 -20.26
CA ILE D 18 17.82 -13.32 -19.58
C ILE D 18 17.84 -13.82 -18.16
N ALA D 19 17.60 -12.92 -17.22
CA ALA D 19 17.51 -13.31 -15.78
C ALA D 19 16.04 -13.43 -15.43
N SER D 20 15.65 -14.55 -14.83
CA SER D 20 14.29 -14.74 -14.45
C SER D 20 14.20 -14.81 -12.92
N LEU D 21 13.62 -13.77 -12.35
CA LEU D 21 13.43 -13.65 -10.91
C LEU D 21 11.96 -13.95 -10.60
N ASN D 22 11.73 -14.78 -9.59
CA ASN D 22 10.39 -15.21 -9.24
C ASN D 22 9.97 -14.80 -7.83
N CYS D 23 8.68 -14.79 -7.61
CA CYS D 23 8.12 -14.38 -6.33
C CYS D 23 6.73 -14.94 -6.13
N THR D 24 6.48 -15.44 -4.92
CA THR D 24 5.18 -16.01 -4.53
C THR D 24 4.63 -15.23 -3.33
N TYR D 25 3.34 -14.96 -3.34
CA TYR D 25 2.71 -14.23 -2.25
C TYR D 25 1.59 -15.01 -1.73
N SER D 26 1.30 -14.82 -0.48
CA SER D 26 0.27 -15.60 0.16
C SER D 26 -0.97 -14.79 0.52
N PHE D 27 -0.90 -13.47 0.37
CA PHE D 27 -2.03 -12.56 0.71
C PHE D 27 -3.01 -12.46 -0.47
N LEU D 28 -4.10 -13.21 -0.38
CA LEU D 28 -5.10 -13.28 -1.45
C LEU D 28 -5.57 -11.90 -1.97
N GLY D 29 -5.80 -10.94 -1.06
CA GLY D 29 -6.27 -9.60 -1.45
C GLY D 29 -5.25 -8.64 -2.09
N SER D 30 -4.07 -9.12 -2.46
CA SER D 30 -3.07 -8.23 -3.07
C SER D 30 -3.58 -7.73 -4.44
N GLN D 31 -3.64 -6.41 -4.63
CA GLN D 31 -4.15 -5.86 -5.90
C GLN D 31 -3.08 -5.22 -6.80
N SER D 32 -1.91 -4.95 -6.26
CA SER D 32 -0.80 -4.39 -7.07
C SER D 32 0.52 -4.98 -6.62
N PHE D 33 1.50 -4.94 -7.51
CA PHE D 33 2.80 -5.60 -7.28
C PHE D 33 3.95 -4.74 -7.80
N PHE D 34 5.08 -4.81 -7.13
CA PHE D 34 6.18 -3.95 -7.42
C PHE D 34 7.54 -4.69 -7.42
N TRP D 35 8.48 -4.17 -8.20
CA TRP D 35 9.85 -4.72 -8.22
C TRP D 35 10.82 -3.59 -8.00
N TYR D 36 11.72 -3.79 -7.06
CA TYR D 36 12.71 -2.83 -6.75
C TYR D 36 14.05 -3.47 -6.94
N ARG D 37 15.02 -2.66 -7.29
CA ARG D 37 16.38 -3.08 -7.43
C ARG D 37 17.17 -2.37 -6.32
N GLN D 38 18.03 -3.12 -5.61
CA GLN D 38 18.82 -2.57 -4.53
C GLN D 38 20.32 -2.90 -4.62
N TYR D 39 21.12 -1.90 -4.91
CA TYR D 39 22.53 -2.06 -4.98
C TYR D 39 23.08 -2.06 -3.59
N SER D 40 24.15 -2.78 -3.40
CA SER D 40 24.79 -2.92 -2.08
C SER D 40 25.01 -1.60 -1.41
N GLY D 41 24.54 -1.49 -0.18
CA GLY D 41 24.69 -0.23 0.60
C GLY D 41 23.74 0.90 0.21
N LYS D 42 22.85 0.63 -0.73
CA LYS D 42 21.93 1.64 -1.22
C LYS D 42 20.46 1.34 -0.93
N SER D 43 19.63 2.36 -1.05
CA SER D 43 18.20 2.18 -0.85
C SER D 43 17.60 1.61 -2.14
N PRO D 44 16.46 0.93 -2.04
CA PRO D 44 15.81 0.32 -3.17
C PRO D 44 15.32 1.34 -4.17
N GLU D 45 15.42 0.99 -5.42
CA GLU D 45 15.01 1.85 -6.50
C GLU D 45 13.92 1.13 -7.25
N LEU D 46 12.83 1.82 -7.52
CA LEU D 46 11.68 1.24 -8.22
C LEU D 46 11.98 0.88 -9.64
N ILE D 47 11.57 -0.29 -10.05
CA ILE D 47 11.74 -0.71 -11.44
C ILE D 47 10.42 -0.65 -12.16
N MET D 48 9.41 -1.28 -11.57
CA MET D 48 8.08 -1.37 -12.18
C MET D 48 7.02 -1.71 -11.15
N PHE D 49 5.78 -1.55 -11.59
CA PHE D 49 4.65 -1.96 -10.87
C PHE D 49 3.66 -2.54 -11.84
N THR D 50 2.78 -3.39 -11.35
CA THR D 50 1.74 -3.89 -12.17
C THR D 50 0.56 -4.24 -11.35
N TYR D 51 -0.63 -4.06 -11.95
CA TYR D 51 -1.87 -4.40 -11.29
C TYR D 51 -2.80 -5.28 -12.13
N ARG D 52 -2.31 -5.86 -13.21
CA ARG D 52 -3.13 -6.71 -13.99
C ARG D 52 -2.43 -7.88 -14.56
N GLU D 53 -3.20 -8.91 -14.90
CA GLU D 53 -2.69 -10.16 -15.40
C GLU D 53 -1.86 -10.03 -16.61
N GLY D 54 -0.88 -10.90 -16.73
CA GLY D 54 -0.07 -10.93 -17.91
C GLY D 54 1.23 -10.28 -17.76
N ASP D 55 1.74 -9.80 -18.88
CA ASP D 55 3.03 -9.19 -18.94
C ASP D 55 2.97 -7.69 -19.10
N LYS D 56 3.99 -7.05 -18.57
CA LYS D 56 4.16 -5.63 -18.67
C LYS D 56 5.63 -5.39 -18.89
N GLU D 57 5.98 -4.92 -20.08
CA GLU D 57 7.37 -4.66 -20.42
C GLU D 57 7.75 -3.17 -20.30
N ASP D 58 8.95 -2.91 -19.74
CA ASP D 58 9.50 -1.55 -19.60
C ASP D 58 11.00 -1.64 -19.94
N GLY D 59 11.33 -1.43 -21.19
CA GLY D 59 12.71 -1.57 -21.65
C GLY D 59 13.11 -3.08 -21.63
N ARG D 60 14.13 -3.41 -20.86
CA ARG D 60 14.61 -4.76 -20.77
C ARG D 60 13.91 -5.55 -19.66
N PHE D 61 13.03 -4.90 -18.91
CA PHE D 61 12.36 -5.54 -17.80
C PHE D 61 10.96 -5.92 -18.13
N THR D 62 10.57 -7.09 -17.71
CA THR D 62 9.24 -7.57 -17.96
C THR D 62 8.67 -8.23 -16.73
N ALA D 63 7.66 -7.62 -16.14
CA ALA D 63 7.01 -8.19 -14.98
C ALA D 63 5.81 -9.06 -15.47
N GLN D 64 5.66 -10.22 -14.89
CA GLN D 64 4.57 -11.09 -15.24
C GLN D 64 3.76 -11.43 -13.99
N LEU D 65 2.45 -11.21 -14.06
CA LEU D 65 1.56 -11.51 -12.93
C LEU D 65 0.58 -12.63 -13.26
N ASN D 66 0.50 -13.60 -12.37
CA ASN D 66 -0.49 -14.70 -12.49
C ASN D 66 -1.17 -14.82 -11.14
N LYS D 67 -2.33 -14.19 -11.01
CA LYS D 67 -3.05 -14.21 -9.71
C LYS D 67 -3.55 -15.58 -9.26
N ALA D 68 -3.95 -16.42 -10.18
CA ALA D 68 -4.49 -17.75 -9.80
C ALA D 68 -3.44 -18.55 -9.02
N SER D 69 -2.20 -18.52 -9.49
CA SER D 69 -1.11 -19.22 -8.83
C SER D 69 -0.37 -18.28 -7.85
N GLN D 70 -0.81 -17.04 -7.76
CA GLN D 70 -0.19 -16.02 -6.88
C GLN D 70 1.31 -15.93 -7.11
N HIS D 71 1.68 -15.72 -8.36
CA HIS D 71 3.05 -15.66 -8.77
C HIS D 71 3.36 -14.38 -9.52
N VAL D 72 4.53 -13.83 -9.26
CA VAL D 72 4.97 -12.59 -9.95
C VAL D 72 6.39 -12.84 -10.40
N SER D 73 6.69 -12.50 -11.63
CA SER D 73 8.05 -12.69 -12.15
C SER D 73 8.62 -11.40 -12.68
N LEU D 74 9.93 -11.38 -12.86
CA LEU D 74 10.62 -10.27 -13.46
C LEU D 74 11.69 -10.88 -14.34
N LEU D 75 11.63 -10.55 -15.61
CA LEU D 75 12.57 -10.99 -16.56
C LEU D 75 13.42 -9.76 -17.01
N ILE D 76 14.76 -9.92 -16.96
CA ILE D 76 15.65 -8.88 -17.41
C ILE D 76 16.29 -9.39 -18.66
N ARG D 77 16.15 -8.63 -19.73
CA ARG D 77 16.71 -9.04 -21.00
C ARG D 77 18.11 -8.43 -21.23
N ASP D 78 18.97 -9.22 -21.87
CA ASP D 78 20.28 -8.79 -22.20
C ASP D 78 20.96 -8.28 -20.98
N SER D 79 21.06 -9.15 -20.00
CA SER D 79 21.64 -8.84 -18.72
C SER D 79 23.04 -8.33 -18.82
N GLN D 80 23.37 -7.42 -17.91
CA GLN D 80 24.69 -6.81 -17.84
C GLN D 80 25.23 -6.87 -16.40
N PRO D 81 26.54 -6.71 -16.22
CA PRO D 81 27.12 -6.72 -14.85
C PRO D 81 26.52 -5.63 -13.96
N SER D 82 26.24 -4.47 -14.54
CA SER D 82 25.64 -3.37 -13.79
C SER D 82 24.28 -3.74 -13.28
N ASP D 83 23.75 -4.90 -13.70
CA ASP D 83 22.43 -5.40 -13.20
C ASP D 83 22.62 -6.20 -11.90
N SER D 84 23.86 -6.49 -11.56
CA SER D 84 24.16 -7.19 -10.34
C SER D 84 23.62 -6.42 -9.17
N ALA D 85 22.67 -7.02 -8.47
CA ALA D 85 22.03 -6.35 -7.36
C ALA D 85 21.06 -7.31 -6.70
N THR D 86 20.40 -6.84 -5.66
CA THR D 86 19.35 -7.64 -5.01
C THR D 86 17.98 -7.08 -5.47
N TYR D 87 17.16 -7.96 -6.04
CA TYR D 87 15.82 -7.58 -6.56
C TYR D 87 14.74 -7.95 -5.58
N LEU D 88 14.00 -6.93 -5.17
CA LEU D 88 12.98 -7.05 -4.18
C LEU D 88 11.63 -7.09 -4.79
N CYS D 89 10.82 -8.03 -4.32
CA CYS D 89 9.47 -8.16 -4.73
C CYS D 89 8.62 -7.62 -3.59
N ALA D 90 7.64 -6.82 -3.92
CA ALA D 90 6.72 -6.31 -2.91
C ALA D 90 5.29 -6.46 -3.38
N VAL D 91 4.44 -6.72 -2.43
CA VAL D 91 3.03 -6.84 -2.65
C VAL D 91 2.30 -5.69 -1.91
N ASN D 92 1.28 -5.09 -2.52
CA ASN D 92 0.48 -4.06 -1.78
C ASN D 92 -0.63 -4.81 -1.12
N ASP D 93 -0.63 -4.86 0.21
CA ASP D 93 -1.66 -5.61 0.93
C ASP D 93 -2.61 -4.69 1.66
N GLY D 94 -2.82 -3.48 1.11
CA GLY D 94 -3.72 -2.48 1.74
C GLY D 94 -3.32 -1.09 1.35
N GLY D 95 -2.74 -0.41 2.23
CA GLY D 95 -2.29 0.95 1.89
C GLY D 95 -0.80 1.04 2.08
N ARG D 96 -0.11 -0.09 1.88
CA ARG D 96 1.32 -0.16 2.10
C ARG D 96 1.87 -1.27 1.29
N LEU D 97 3.19 -1.39 1.31
CA LEU D 97 3.85 -2.46 0.60
C LEU D 97 4.49 -3.38 1.59
N THR D 98 4.39 -4.69 1.32
CA THR D 98 5.01 -5.71 2.11
C THR D 98 6.03 -6.40 1.21
N PHE D 99 7.26 -6.50 1.69
CA PHE D 99 8.38 -6.99 0.88
C PHE D 99 8.82 -8.35 1.17
N GLY D 100 9.43 -8.96 0.14
CA GLY D 100 10.09 -10.27 0.29
C GLY D 100 11.55 -9.93 0.66
N ASP D 101 12.39 -10.92 0.86
CA ASP D 101 13.77 -10.66 1.27
C ASP D 101 14.72 -10.47 0.11
N GLY D 102 14.19 -10.55 -1.11
CA GLY D 102 14.96 -10.30 -2.27
C GLY D 102 15.73 -11.49 -2.81
N THR D 103 16.06 -11.43 -4.09
CA THR D 103 16.89 -12.41 -4.69
C THR D 103 18.08 -11.72 -5.29
N THR D 104 19.25 -12.03 -4.74
CA THR D 104 20.51 -11.44 -5.17
C THR D 104 20.96 -12.01 -6.53
N LEU D 105 21.24 -11.13 -7.47
CA LEU D 105 21.64 -11.50 -8.80
C LEU D 105 23.05 -11.08 -9.07
N THR D 106 23.79 -11.95 -9.76
CA THR D 106 25.15 -11.68 -10.15
C THR D 106 25.29 -11.96 -11.66
N VAL D 107 25.68 -10.95 -12.42
CA VAL D 107 25.85 -11.11 -13.85
C VAL D 107 27.32 -11.13 -14.18
N LYS D 108 27.82 -12.28 -14.61
CA LYS D 108 29.23 -12.42 -14.93
C LYS D 108 29.57 -11.82 -16.28
N PRO D 109 30.54 -10.90 -16.30
CA PRO D 109 30.97 -10.24 -17.54
C PRO D 109 31.72 -11.16 -18.51
N ASN D 110 31.57 -10.91 -19.79
CA ASN D 110 32.21 -11.69 -20.81
C ASN D 110 33.59 -11.08 -21.12
N ILE D 111 34.65 -11.75 -20.71
CA ILE D 111 36.00 -11.27 -20.91
C ILE D 111 36.49 -11.68 -22.31
N GLN D 112 36.53 -10.71 -23.22
CA GLN D 112 36.91 -10.96 -24.61
C GLN D 112 38.33 -11.50 -24.81
N ASN D 113 39.29 -10.99 -24.04
CA ASN D 113 40.69 -11.40 -24.19
C ASN D 113 41.42 -11.68 -22.86
N PRO D 114 40.98 -12.73 -22.14
CA PRO D 114 41.59 -13.08 -20.85
C PRO D 114 43.11 -13.21 -20.92
N ASP D 115 43.80 -12.50 -20.04
CA ASP D 115 45.28 -12.52 -19.99
C ASP D 115 45.72 -12.47 -18.53
N PRO D 116 45.29 -13.46 -17.74
CA PRO D 116 45.59 -13.50 -16.28
C PRO D 116 47.05 -13.10 -15.96
N ALA D 117 47.22 -12.37 -14.86
CA ALA D 117 48.54 -11.91 -14.42
C ALA D 117 48.54 -11.45 -12.95
N VAL D 118 49.65 -11.71 -12.26
CA VAL D 118 49.80 -11.32 -10.86
C VAL D 118 50.90 -10.27 -10.77
N TYR D 119 50.57 -9.11 -10.23
CA TYR D 119 51.51 -8.03 -10.13
C TYR D 119 51.66 -7.54 -8.72
N GLN D 120 52.86 -7.10 -8.38
CA GLN D 120 53.13 -6.55 -7.10
C GLN D 120 53.22 -5.04 -7.30
N LEU D 121 52.35 -4.31 -6.58
CA LEU D 121 52.31 -2.84 -6.68
C LEU D 121 53.34 -2.17 -5.80
N ARG D 122 53.79 -1.00 -6.22
CA ARG D 122 54.72 -0.23 -5.46
C ARG D 122 53.94 0.68 -4.51
N ASP D 123 54.44 0.86 -3.31
CA ASP D 123 53.76 1.66 -2.32
C ASP D 123 54.48 2.97 -2.04
N SER D 124 53.75 3.93 -1.47
CA SER D 124 54.30 5.24 -1.14
C SER D 124 55.17 5.15 0.12
N LYS D 125 55.89 6.23 0.42
CA LYS D 125 56.81 6.26 1.59
C LYS D 125 56.52 5.19 2.66
N SER D 126 55.37 5.27 3.33
CA SER D 126 54.99 4.30 4.37
C SER D 126 54.64 2.96 3.72
N SER D 127 55.49 1.96 3.92
CA SER D 127 55.27 0.65 3.29
C SER D 127 55.45 -0.55 4.23
N ASP D 128 54.46 -0.81 5.06
CA ASP D 128 54.51 -1.99 5.95
C ASP D 128 53.86 -3.18 5.20
N LYS D 129 53.11 -2.87 4.15
CA LYS D 129 52.40 -3.87 3.38
C LYS D 129 52.97 -4.09 1.99
N SER D 130 52.74 -5.30 1.48
CA SER D 130 53.07 -5.65 0.15
C SER D 130 51.72 -5.97 -0.44
N VAL D 131 51.42 -5.40 -1.61
CA VAL D 131 50.13 -5.61 -2.25
C VAL D 131 50.27 -6.35 -3.57
N CYS D 132 49.49 -7.42 -3.74
CA CYS D 132 49.51 -8.24 -4.96
C CYS D 132 48.20 -8.17 -5.69
N LEU D 133 48.26 -7.87 -6.99
CA LEU D 133 47.07 -7.72 -7.82
C LEU D 133 46.93 -8.85 -8.84
N PHE D 134 45.84 -9.61 -8.74
CA PHE D 134 45.55 -10.68 -9.69
C PHE D 134 44.50 -10.11 -10.61
N THR D 135 44.85 -9.90 -11.86
CA THR D 135 43.93 -9.27 -12.78
C THR D 135 43.91 -9.86 -14.19
N ASP D 136 42.92 -9.43 -14.96
CA ASP D 136 42.73 -9.87 -16.40
C ASP D 136 42.39 -11.36 -16.59
N PHE D 137 41.92 -12.01 -15.54
CA PHE D 137 41.56 -13.42 -15.64
C PHE D 137 40.12 -13.62 -16.17
N ASP D 138 39.86 -14.82 -16.68
CA ASP D 138 38.57 -15.12 -17.21
C ASP D 138 37.53 -15.06 -16.09
N SER D 139 36.30 -14.71 -16.44
CA SER D 139 35.21 -14.57 -15.45
C SER D 139 34.71 -15.94 -14.91
N GLN D 140 35.44 -17.00 -15.26
CA GLN D 140 35.08 -18.35 -14.82
C GLN D 140 36.00 -18.77 -13.67
N THR D 141 37.01 -17.94 -13.40
CA THR D 141 37.98 -18.20 -12.37
C THR D 141 37.52 -17.68 -11.00
N ASN D 142 37.48 -18.58 -10.01
CA ASN D 142 37.09 -18.23 -8.63
C ASN D 142 38.33 -18.00 -7.75
N VAL D 143 38.32 -16.89 -7.00
CA VAL D 143 39.42 -16.58 -6.10
C VAL D 143 39.05 -16.99 -4.67
N SER D 144 39.73 -18.00 -4.17
CA SER D 144 39.45 -18.54 -2.84
C SER D 144 40.01 -17.60 -1.73
N GLN D 145 39.50 -17.76 -0.48
CA GLN D 145 39.94 -16.93 0.65
C GLN D 145 41.38 -17.26 1.03
N SER D 146 42.01 -16.39 1.81
CA SER D 146 43.39 -16.60 2.24
C SER D 146 43.56 -17.82 3.15
N LYS D 147 44.58 -18.64 2.86
CA LYS D 147 44.87 -19.85 3.64
C LYS D 147 45.09 -19.41 5.11
N ASP D 148 45.04 -20.36 6.05
CA ASP D 148 45.23 -20.02 7.49
C ASP D 148 46.47 -19.15 7.71
N SER D 149 46.55 -18.07 6.94
CA SER D 149 47.63 -17.13 7.01
C SER D 149 47.03 -15.78 7.34
N ASP D 150 47.85 -14.89 7.90
CA ASP D 150 47.39 -13.55 8.22
C ASP D 150 47.56 -12.60 7.02
N VAL D 151 47.29 -13.12 5.81
CA VAL D 151 47.34 -12.31 4.60
C VAL D 151 45.87 -12.07 4.29
N TYR D 152 45.59 -11.12 3.42
CA TYR D 152 44.23 -10.80 3.07
C TYR D 152 44.06 -10.85 1.60
N ILE D 153 42.91 -11.34 1.18
CA ILE D 153 42.59 -11.42 -0.22
C ILE D 153 41.12 -11.11 -0.40
N THR D 154 40.84 -10.14 -1.24
CA THR D 154 39.48 -9.69 -1.46
C THR D 154 38.80 -10.57 -2.46
N ASP D 155 37.48 -10.47 -2.51
CA ASP D 155 36.71 -11.23 -3.46
C ASP D 155 36.93 -10.54 -4.81
N LYS D 156 36.67 -11.23 -5.90
CA LYS D 156 36.86 -10.64 -7.22
C LYS D 156 35.89 -9.47 -7.45
N CYS D 157 36.39 -8.45 -8.14
CA CYS D 157 35.65 -7.20 -8.42
C CYS D 157 35.70 -6.93 -9.96
N VAL D 158 34.61 -6.43 -10.54
CA VAL D 158 34.54 -6.16 -12.01
C VAL D 158 34.56 -4.64 -12.37
N LEU D 159 35.53 -4.24 -13.22
CA LEU D 159 35.65 -2.81 -13.64
C LEU D 159 35.50 -2.61 -15.17
N ASP D 160 34.82 -1.52 -15.56
CA ASP D 160 34.60 -1.19 -16.98
C ASP D 160 35.16 0.20 -17.34
N MET D 161 36.38 0.24 -17.83
CA MET D 161 36.96 1.51 -18.27
C MET D 161 36.38 1.86 -19.65
N ARG D 162 35.16 2.39 -19.60
CA ARG D 162 34.37 2.79 -20.77
C ARG D 162 35.23 3.39 -21.89
N SER D 163 36.32 4.07 -21.50
CA SER D 163 37.22 4.72 -22.46
C SER D 163 37.88 3.71 -23.43
N MET D 164 38.66 2.77 -22.88
CA MET D 164 39.37 1.76 -23.69
C MET D 164 38.42 0.66 -24.23
N ASP D 165 37.11 0.81 -23.99
CA ASP D 165 36.15 -0.17 -24.47
C ASP D 165 36.64 -1.56 -24.01
N PHE D 166 36.86 -1.70 -22.71
CA PHE D 166 37.43 -2.94 -22.13
C PHE D 166 36.87 -3.25 -20.71
N LYS D 167 36.66 -4.53 -20.41
CA LYS D 167 36.18 -4.97 -19.07
C LYS D 167 37.27 -5.81 -18.41
N SER D 168 37.37 -5.72 -17.08
CA SER D 168 38.41 -6.44 -16.33
C SER D 168 38.01 -6.89 -14.92
N ASN D 169 38.48 -8.10 -14.55
CA ASN D 169 38.26 -8.69 -13.24
C ASN D 169 39.51 -8.48 -12.40
N SER D 170 39.33 -8.35 -11.09
CA SER D 170 40.47 -8.12 -10.21
C SER D 170 40.28 -8.69 -8.85
N ALA D 171 41.39 -8.99 -8.22
CA ALA D 171 41.41 -9.43 -6.86
C ALA D 171 42.68 -8.87 -6.27
N VAL D 172 42.61 -8.41 -5.04
CA VAL D 172 43.72 -7.86 -4.37
C VAL D 172 44.05 -8.68 -3.17
N ALA D 173 45.34 -8.88 -2.95
CA ALA D 173 45.81 -9.63 -1.78
C ALA D 173 46.94 -8.84 -1.14
N TRP D 174 47.04 -8.90 0.18
CA TRP D 174 48.08 -8.21 0.87
C TRP D 174 48.39 -8.83 2.18
N SER D 175 49.52 -8.44 2.72
CA SER D 175 49.96 -8.92 4.01
C SER D 175 51.10 -8.05 4.47
N ASN D 176 51.37 -8.08 5.76
CA ASN D 176 52.50 -7.32 6.29
C ASN D 176 53.66 -8.24 6.65
N LYS D 177 53.45 -9.55 6.52
CA LYS D 177 54.51 -10.50 6.80
C LYS D 177 55.60 -10.29 5.78
N SER D 178 56.83 -10.52 6.20
CA SER D 178 57.98 -10.35 5.33
C SER D 178 58.11 -11.53 4.37
N ASP D 179 57.69 -12.72 4.82
CA ASP D 179 57.79 -13.94 4.00
C ASP D 179 56.67 -14.05 2.96
N PHE D 180 55.84 -13.01 2.86
CA PHE D 180 54.73 -13.00 1.91
C PHE D 180 55.19 -12.75 0.49
N ALA D 181 55.42 -13.84 -0.25
CA ALA D 181 55.83 -13.75 -1.64
C ALA D 181 54.59 -13.46 -2.48
N CYS D 182 54.78 -12.77 -3.58
CA CYS D 182 53.67 -12.42 -4.42
C CYS D 182 53.31 -13.57 -5.35
N ALA D 183 54.29 -14.39 -5.68
CA ALA D 183 54.07 -15.55 -6.56
C ALA D 183 53.28 -16.63 -5.83
N ASN D 184 53.57 -16.79 -4.55
CA ASN D 184 52.86 -17.79 -3.73
C ASN D 184 51.42 -17.33 -3.43
N ALA D 185 51.24 -16.02 -3.25
CA ALA D 185 49.92 -15.49 -2.96
C ALA D 185 48.90 -16.02 -3.95
N PHE D 186 47.64 -16.07 -3.51
CA PHE D 186 46.54 -16.56 -4.34
C PHE D 186 46.60 -18.05 -4.61
N ASN D 187 47.29 -18.82 -3.78
CA ASN D 187 47.36 -20.27 -4.01
C ASN D 187 45.95 -20.90 -4.00
N ASN D 188 45.44 -21.19 -5.22
CA ASN D 188 44.12 -21.81 -5.39
C ASN D 188 43.91 -22.51 -6.78
N SER D 189 43.52 -21.76 -7.83
CA SER D 189 43.29 -22.39 -9.17
C SER D 189 43.39 -21.43 -10.39
N ILE D 190 44.52 -21.51 -11.14
CA ILE D 190 44.72 -20.68 -12.39
C ILE D 190 45.94 -21.19 -13.22
N ILE D 191 46.28 -20.44 -14.30
CA ILE D 191 47.47 -20.73 -15.17
C ILE D 191 48.01 -19.37 -15.75
N PRO D 192 48.20 -18.35 -14.86
CA PRO D 192 48.63 -17.00 -15.24
C PRO D 192 50.14 -16.87 -15.50
N GLU D 193 50.61 -15.63 -15.67
CA GLU D 193 52.04 -15.38 -15.89
C GLU D 193 52.55 -14.37 -14.82
N ASP D 194 53.59 -14.80 -14.08
CA ASP D 194 54.19 -13.97 -13.02
C ASP D 194 55.37 -13.18 -13.58
N THR D 195 55.39 -11.87 -13.31
CA THR D 195 56.45 -10.99 -13.78
C THR D 195 57.84 -11.39 -13.21
N PHE D 196 58.90 -11.10 -13.97
CA PHE D 196 60.31 -11.46 -13.60
C PHE D 196 60.53 -12.95 -13.74
N MET E 1 10.63 21.10 -9.98
CA MET E 1 9.25 21.13 -10.54
C MET E 1 8.57 19.74 -10.39
N SER E 2 9.39 18.68 -10.35
CA SER E 2 8.89 17.27 -10.23
C SER E 2 8.90 16.75 -8.76
N GLN E 3 8.64 15.45 -8.58
CA GLN E 3 8.53 14.80 -7.23
C GLN E 3 9.85 14.16 -6.71
N THR E 4 10.19 14.50 -5.47
CA THR E 4 11.45 14.10 -4.85
C THR E 4 11.28 13.75 -3.37
N ILE E 5 12.21 12.94 -2.86
CA ILE E 5 12.18 12.54 -1.45
C ILE E 5 13.60 12.44 -0.91
N HIS E 6 13.87 13.14 0.20
CA HIS E 6 15.22 13.13 0.79
C HIS E 6 15.19 12.76 2.24
N GLN E 7 16.28 12.20 2.70
CA GLN E 7 16.35 11.70 4.02
C GLN E 7 17.72 12.07 4.63
N TRP E 8 17.75 12.30 5.95
CA TRP E 8 18.99 12.59 6.62
C TRP E 8 18.85 12.41 8.13
N PRO E 9 19.98 12.12 8.82
CA PRO E 9 21.28 11.97 8.22
C PRO E 9 21.43 10.67 7.45
N ALA E 10 22.48 10.60 6.64
CA ALA E 10 22.75 9.42 5.83
C ALA E 10 23.25 8.23 6.66
N THR E 11 24.10 8.51 7.68
CA THR E 11 24.70 7.45 8.52
C THR E 11 24.93 7.97 9.89
N LEU E 12 24.68 7.12 10.88
CA LEU E 12 24.86 7.49 12.28
C LEU E 12 25.49 6.32 13.07
N VAL E 13 26.37 6.64 14.00
CA VAL E 13 26.99 5.69 14.89
C VAL E 13 26.79 6.26 16.20
N GLN E 14 26.12 5.53 17.07
CA GLN E 14 25.65 6.14 18.28
C GLN E 14 25.56 5.11 19.42
N PRO E 15 25.79 5.54 20.65
CA PRO E 15 25.78 4.58 21.79
C PRO E 15 24.42 4.12 22.25
N VAL E 16 24.39 2.97 22.92
CA VAL E 16 23.18 2.46 23.49
C VAL E 16 22.67 3.49 24.49
N GLY E 17 21.38 3.83 24.43
CA GLY E 17 20.79 4.80 25.39
C GLY E 17 20.64 6.21 24.83
N SER E 18 21.25 6.43 23.71
CA SER E 18 21.21 7.67 23.04
C SER E 18 19.81 7.96 22.39
N PRO E 19 19.50 9.23 22.19
CA PRO E 19 18.26 9.60 21.51
C PRO E 19 18.48 9.51 20.03
N LEU E 20 17.39 9.38 19.26
CA LEU E 20 17.47 9.28 17.84
C LEU E 20 16.56 10.29 17.17
N SER E 21 16.99 10.83 16.04
CA SER E 21 16.17 11.74 15.28
C SER E 21 16.50 11.68 13.77
N LEU E 22 15.61 11.05 13.01
CA LEU E 22 15.77 10.94 11.58
C LEU E 22 14.70 11.78 10.91
N GLU E 23 15.04 12.39 9.78
CA GLU E 23 14.10 13.21 9.11
C GLU E 23 13.90 12.83 7.68
N CYS E 24 12.69 13.10 7.18
CA CYS E 24 12.34 12.78 5.83
C CYS E 24 11.52 13.90 5.22
N THR E 25 11.93 14.34 4.04
CA THR E 25 11.28 15.39 3.36
C THR E 25 10.88 15.01 1.95
N VAL E 26 9.75 15.53 1.51
CA VAL E 26 9.26 15.26 0.17
C VAL E 26 8.92 16.57 -0.51
N GLU E 27 9.07 16.60 -1.82
CA GLU E 27 8.81 17.79 -2.62
C GLU E 27 8.07 17.37 -3.91
N GLY E 28 7.21 18.26 -4.43
CA GLY E 28 6.48 17.97 -5.72
C GLY E 28 5.11 17.27 -5.63
N THR E 29 4.64 17.02 -4.42
CA THR E 29 3.28 16.47 -4.21
C THR E 29 2.82 16.94 -2.89
N SER E 30 1.53 16.90 -2.66
CA SER E 30 0.97 17.34 -1.40
C SER E 30 0.01 16.30 -0.84
N ASN E 31 -0.06 16.27 0.49
CA ASN E 31 -0.94 15.33 1.20
C ASN E 31 -0.63 13.91 0.87
N PRO E 32 0.66 13.56 0.79
CA PRO E 32 1.04 12.19 0.46
C PRO E 32 1.00 11.24 1.61
N ASN E 33 1.04 9.95 1.29
CA ASN E 33 1.14 8.90 2.27
C ASN E 33 2.62 8.80 2.57
N LEU E 34 2.95 8.75 3.84
CA LEU E 34 4.34 8.62 4.27
C LEU E 34 4.55 7.33 5.03
N TYR E 35 5.69 6.66 4.77
CA TYR E 35 6.02 5.40 5.39
C TYR E 35 7.49 5.37 5.94
N TRP E 36 7.66 4.76 7.14
CA TRP E 36 9.00 4.50 7.71
C TRP E 36 9.21 2.97 7.75
N TYR E 37 10.22 2.48 7.03
CA TYR E 37 10.58 1.05 7.10
C TYR E 37 11.97 0.89 7.79
N ARG E 38 12.24 -0.31 8.25
CA ARG E 38 13.54 -0.65 8.80
C ARG E 38 14.04 -1.87 8.05
N GLN E 39 15.24 -1.81 7.55
CA GLN E 39 15.78 -2.95 6.83
C GLN E 39 17.01 -3.57 7.54
N ALA E 40 16.93 -4.86 7.81
CA ALA E 40 18.02 -5.62 8.41
C ALA E 40 18.81 -6.29 7.23
N ALA E 41 20.03 -6.67 7.49
CA ALA E 41 20.86 -7.29 6.44
C ALA E 41 20.29 -8.62 6.03
N GLY E 42 20.29 -8.86 4.73
CA GLY E 42 19.82 -10.08 4.18
C GLY E 42 18.34 -10.14 4.09
N ARG E 43 17.68 -9.05 4.42
CA ARG E 43 16.20 -9.04 4.42
C ARG E 43 15.57 -7.85 3.72
N GLY E 44 14.26 -7.93 3.53
CA GLY E 44 13.50 -6.83 2.92
C GLY E 44 13.09 -5.80 3.95
N PRO E 45 12.77 -4.60 3.50
CA PRO E 45 12.33 -3.58 4.40
C PRO E 45 11.09 -4.00 5.15
N GLN E 46 11.01 -3.62 6.44
CA GLN E 46 9.87 -3.98 7.29
C GLN E 46 9.21 -2.66 7.74
N LEU E 47 7.88 -2.62 7.71
CA LEU E 47 7.15 -1.39 8.05
C LEU E 47 7.10 -1.04 9.52
N LEU E 48 7.48 0.19 9.85
CA LEU E 48 7.37 0.68 11.24
C LEU E 48 6.08 1.55 11.36
N PHE E 49 5.92 2.50 10.42
CA PHE E 49 4.78 3.41 10.45
C PHE E 49 4.26 3.76 9.06
N TYR E 50 2.95 3.89 8.96
CA TYR E 50 2.28 4.31 7.74
C TYR E 50 1.32 5.40 8.10
N TRP E 51 1.69 6.62 7.77
CA TRP E 51 0.80 7.82 8.07
C TRP E 51 0.18 8.29 6.86
N GLY E 52 -1.10 8.55 6.95
CA GLY E 52 -1.81 9.16 5.85
C GLY E 52 -1.61 10.63 6.04
N PRO E 53 -2.16 11.44 5.14
CA PRO E 53 -1.99 12.88 5.21
C PRO E 53 -2.42 13.51 6.50
N PHE E 54 -3.37 12.91 7.21
CA PHE E 54 -3.88 13.53 8.50
C PHE E 54 -3.53 12.77 9.78
N GLY E 55 -2.73 11.71 9.69
CA GLY E 55 -2.40 10.95 10.85
C GLY E 55 -2.04 9.49 10.53
N GLN E 56 -1.75 8.75 11.58
CA GLN E 56 -1.32 7.40 11.49
C GLN E 56 -2.43 6.40 11.17
N ILE E 57 -2.16 5.56 10.20
CA ILE E 57 -3.07 4.52 9.79
C ILE E 57 -2.59 3.13 10.33
N SER E 58 -1.28 2.87 10.26
CA SER E 58 -0.73 1.58 10.72
C SER E 58 -0.98 1.32 12.20
N SER E 59 -1.10 0.03 12.56
CA SER E 59 -1.36 -0.38 13.96
C SER E 59 -0.10 -0.93 14.68
N GLU E 60 0.95 -1.28 13.92
CA GLU E 60 2.16 -1.75 14.57
C GLU E 60 2.60 -0.75 15.60
N VAL E 61 3.19 -1.25 16.66
CA VAL E 61 3.68 -0.44 17.71
C VAL E 61 5.08 -0.90 18.09
N PRO E 62 6.08 -0.33 17.42
CA PRO E 62 7.47 -0.66 17.71
C PRO E 62 7.83 -0.28 19.12
N GLN E 63 9.04 -0.60 19.53
CA GLN E 63 9.49 -0.25 20.86
C GLN E 63 10.59 0.77 20.73
N ASN E 64 10.49 1.85 21.52
CA ASN E 64 11.48 2.93 21.48
C ASN E 64 11.36 3.84 20.29
N LEU E 65 10.38 3.60 19.45
CA LEU E 65 10.24 4.42 18.28
C LEU E 65 8.93 5.07 18.16
N SER E 66 8.95 6.29 17.66
CA SER E 66 7.76 7.02 17.44
C SER E 66 7.93 7.87 16.22
N ALA E 67 6.83 8.11 15.52
CA ALA E 67 6.88 8.92 14.36
C ALA E 67 5.99 10.14 14.56
N SER E 68 6.32 11.20 13.84
CA SER E 68 5.53 12.43 13.88
C SER E 68 5.63 13.10 12.53
N ARG E 69 4.68 13.99 12.26
CA ARG E 69 4.59 14.68 10.98
C ARG E 69 4.21 16.12 11.20
N PRO E 70 5.17 16.92 11.65
CA PRO E 70 4.94 18.36 11.97
C PRO E 70 4.44 19.22 10.82
N GLN E 71 4.69 18.79 9.61
CA GLN E 71 4.23 19.50 8.41
C GLN E 71 3.81 18.47 7.41
N ASP E 72 3.04 18.90 6.43
CA ASP E 72 2.54 17.99 5.42
C ASP E 72 3.64 17.18 4.78
N ARG E 73 4.71 17.84 4.38
CA ARG E 73 5.79 17.19 3.67
C ARG E 73 7.05 16.87 4.54
N GLN E 74 6.88 16.80 5.85
CA GLN E 74 8.01 16.51 6.76
C GLN E 74 7.62 15.38 7.71
N PHE E 75 8.43 14.33 7.72
CA PHE E 75 8.16 13.15 8.50
C PHE E 75 9.39 12.86 9.39
N ILE E 76 9.14 12.59 10.67
CA ILE E 76 10.22 12.36 11.67
C ILE E 76 10.09 11.01 12.41
N LEU E 77 11.23 10.32 12.59
CA LEU E 77 11.29 9.05 13.35
C LEU E 77 12.23 9.33 14.54
N SER E 78 11.74 9.06 15.75
CA SER E 78 12.50 9.35 16.97
C SER E 78 12.57 8.21 17.95
N SER E 79 13.48 8.36 18.89
CA SER E 79 13.60 7.45 20.00
C SER E 79 14.21 8.22 21.10
N LYS E 80 13.72 8.03 22.31
CA LYS E 80 14.28 8.74 23.45
C LYS E 80 15.47 7.99 24.00
N LYS E 81 15.52 6.68 23.77
CA LYS E 81 16.61 5.86 24.28
C LYS E 81 16.83 4.61 23.43
N LEU E 82 17.81 4.67 22.55
CA LEU E 82 18.08 3.53 21.64
C LEU E 82 18.50 2.20 22.32
N LEU E 83 18.12 1.10 21.70
CA LEU E 83 18.52 -0.25 22.13
C LEU E 83 19.46 -0.83 21.04
N LEU E 84 20.40 -1.71 21.43
CA LEU E 84 21.29 -2.38 20.45
C LEU E 84 20.53 -2.86 19.26
N SER E 85 19.31 -3.35 19.50
CA SER E 85 18.44 -3.89 18.43
C SER E 85 18.05 -2.88 17.40
N ASP E 86 18.13 -1.61 17.74
CA ASP E 86 17.69 -0.59 16.80
C ASP E 86 18.65 -0.37 15.64
N SER E 87 19.79 -1.07 15.62
CA SER E 87 20.69 -0.95 14.48
C SER E 87 19.88 -1.32 13.28
N GLY E 88 20.13 -0.68 12.16
CA GLY E 88 19.41 -1.00 10.93
C GLY E 88 19.49 0.07 9.90
N PHE E 89 18.86 -0.19 8.74
CA PHE E 89 18.85 0.76 7.62
C PHE E 89 17.40 1.31 7.52
N TYR E 90 17.22 2.52 8.04
CA TYR E 90 15.94 3.18 8.09
C TYR E 90 15.61 3.90 6.79
N LEU E 91 14.46 3.54 6.24
CA LEU E 91 14.01 4.06 4.90
C LEU E 91 12.68 4.73 4.96
N CYS E 92 12.60 5.85 4.30
CA CYS E 92 11.39 6.61 4.21
C CYS E 92 10.84 6.43 2.76
N ALA E 93 9.54 6.43 2.63
CA ALA E 93 8.89 6.31 1.33
C ALA E 93 7.59 7.09 1.31
N TRP E 94 7.11 7.40 0.12
CA TRP E 94 5.88 8.11 -0.02
C TRP E 94 5.04 7.50 -1.13
N SER E 95 3.77 7.81 -1.09
CA SER E 95 2.83 7.44 -2.20
C SER E 95 1.78 8.53 -2.25
N GLU E 96 1.20 8.74 -3.41
CA GLU E 96 0.19 9.78 -3.57
C GLU E 96 -0.99 9.56 -2.71
N THR E 97 -1.70 10.64 -2.44
CA THR E 97 -2.88 10.60 -1.65
C THR E 97 -3.81 9.48 -2.19
N GLY E 98 -4.47 8.79 -1.29
CA GLY E 98 -5.40 7.71 -1.69
C GLY E 98 -4.71 6.38 -1.84
N LEU E 99 -5.30 5.50 -2.66
CA LEU E 99 -4.76 4.18 -2.93
C LEU E 99 -4.54 4.12 -4.44
N GLY E 100 -3.33 4.42 -4.88
CA GLY E 100 -3.03 4.40 -6.30
C GLY E 100 -1.65 3.93 -6.65
N MET E 101 -1.29 4.19 -7.89
CA MET E 101 -0.03 3.76 -8.40
C MET E 101 1.05 4.80 -8.35
N GLY E 102 0.69 6.01 -7.99
CA GLY E 102 1.65 7.12 -7.97
C GLY E 102 2.59 7.08 -6.80
N GLY E 103 3.86 7.32 -7.07
CA GLY E 103 4.85 7.34 -6.01
C GLY E 103 5.51 6.00 -5.72
N TRP E 104 5.49 5.60 -4.47
CA TRP E 104 6.11 4.37 -4.05
C TRP E 104 7.67 4.40 -4.26
N GLN E 105 8.28 5.54 -3.96
CA GLN E 105 9.73 5.69 -4.12
C GLN E 105 10.31 5.87 -2.72
N PHE E 106 11.53 5.35 -2.50
CA PHE E 106 12.20 5.51 -1.19
C PHE E 106 13.19 6.65 -1.23
N GLY E 107 13.50 7.18 -0.06
CA GLY E 107 14.54 8.16 0.06
C GLY E 107 15.87 7.37 0.02
N GLU E 108 16.98 8.02 0.32
CA GLU E 108 18.30 7.36 0.22
C GLU E 108 18.71 6.55 1.49
N GLY E 109 17.85 6.58 2.49
CA GLY E 109 18.03 5.83 3.69
C GLY E 109 18.95 6.42 4.71
N SER E 110 18.83 5.92 5.94
CA SER E 110 19.67 6.35 7.03
C SER E 110 20.18 5.13 7.74
N ARG E 111 21.47 4.83 7.60
CA ARG E 111 22.06 3.70 8.27
C ARG E 111 22.46 4.02 9.70
N LEU E 112 21.94 3.25 10.65
CA LEU E 112 22.20 3.49 12.07
C LEU E 112 22.88 2.29 12.69
N THR E 113 23.95 2.54 13.43
CA THR E 113 24.66 1.48 14.14
C THR E 113 24.68 1.85 15.59
N VAL E 114 24.09 1.01 16.42
CA VAL E 114 24.10 1.29 17.87
C VAL E 114 25.15 0.40 18.50
N LEU E 115 26.03 0.99 19.29
CA LEU E 115 27.14 0.25 19.92
C LEU E 115 27.04 0.23 21.41
N GLU E 116 27.48 -0.88 21.99
CA GLU E 116 27.52 -1.03 23.42
C GLU E 116 28.73 -0.29 23.94
N ASP E 117 29.91 -0.59 23.38
CA ASP E 117 31.13 0.13 23.80
C ASP E 117 31.77 0.91 22.64
N LEU E 118 31.96 2.18 22.87
CA LEU E 118 32.49 3.07 21.89
C LEU E 118 33.98 2.86 21.63
N LYS E 119 34.70 2.25 22.57
CA LYS E 119 36.15 2.04 22.40
C LYS E 119 36.45 1.13 21.22
N ASN E 120 35.44 0.52 20.65
CA ASN E 120 35.65 -0.35 19.50
C ASN E 120 35.75 0.41 18.20
N VAL E 121 35.40 1.70 18.23
CA VAL E 121 35.37 2.51 17.01
C VAL E 121 36.75 3.02 16.57
N PHE E 122 37.11 2.71 15.32
CA PHE E 122 38.40 3.18 14.72
C PHE E 122 38.14 3.61 13.32
N PRO E 123 38.72 4.72 12.92
CA PRO E 123 38.59 5.15 11.58
C PRO E 123 39.59 4.38 10.69
N PRO E 124 39.41 4.42 9.39
CA PRO E 124 40.28 3.74 8.54
C PRO E 124 41.57 4.41 8.30
N GLU E 125 42.66 3.62 8.23
CA GLU E 125 43.97 4.13 7.73
C GLU E 125 43.90 3.89 6.22
N VAL E 126 44.31 4.88 5.44
CA VAL E 126 44.22 4.79 4.00
C VAL E 126 45.57 4.86 3.36
N ALA E 127 45.76 4.06 2.32
CA ALA E 127 47.00 4.01 1.63
C ALA E 127 46.79 3.68 0.18
N VAL E 128 47.51 4.39 -0.70
CA VAL E 128 47.44 4.18 -2.12
C VAL E 128 48.71 3.47 -2.61
N PHE E 129 48.52 2.50 -3.50
CA PHE E 129 49.60 1.74 -4.05
C PHE E 129 49.65 1.96 -5.54
N GLU E 130 50.81 2.41 -6.03
CA GLU E 130 50.98 2.75 -7.44
C GLU E 130 51.33 1.59 -8.36
N PRO E 131 50.90 1.68 -9.62
CA PRO E 131 51.06 0.69 -10.67
C PRO E 131 52.42 0.09 -10.73
N SER E 132 52.46 -1.17 -11.15
CA SER E 132 53.74 -1.85 -11.33
C SER E 132 54.21 -1.55 -12.71
N GLU E 133 55.51 -1.36 -12.87
CA GLU E 133 56.06 -1.09 -14.18
C GLU E 133 55.79 -2.30 -15.09
N ALA E 134 55.72 -3.49 -14.51
CA ALA E 134 55.45 -4.71 -15.27
C ALA E 134 54.11 -4.61 -16.00
N GLU E 135 53.05 -4.34 -15.25
CA GLU E 135 51.72 -4.21 -15.87
C GLU E 135 51.77 -3.16 -16.94
N ILE E 136 52.47 -2.08 -16.65
CA ILE E 136 52.62 -0.99 -17.61
C ILE E 136 53.22 -1.46 -18.92
N SER E 137 54.19 -2.37 -18.85
CA SER E 137 54.85 -2.86 -20.06
C SER E 137 54.10 -4.03 -20.73
N HIS E 138 53.45 -4.89 -19.93
CA HIS E 138 52.72 -6.03 -20.51
C HIS E 138 51.38 -5.56 -21.11
N THR E 139 50.98 -4.34 -20.77
CA THR E 139 49.76 -3.73 -21.30
C THR E 139 49.92 -2.25 -21.13
N GLN E 140 49.29 -1.47 -21.99
CA GLN E 140 49.44 -0.02 -21.89
C GLN E 140 48.47 0.53 -20.87
N LYS E 141 48.31 -0.19 -19.74
CA LYS E 141 47.39 0.20 -18.66
C LYS E 141 48.06 0.18 -17.26
N ALA E 142 47.54 1.03 -16.35
CA ALA E 142 48.09 1.15 -15.00
C ALA E 142 46.97 1.09 -13.96
N THR E 143 47.12 0.19 -12.98
CA THR E 143 46.08 0.04 -11.93
C THR E 143 46.58 0.45 -10.57
N LEU E 144 45.95 1.49 -10.01
CA LEU E 144 46.26 1.96 -8.64
C LEU E 144 45.34 1.22 -7.68
N VAL E 145 45.81 0.97 -6.48
CA VAL E 145 45.00 0.30 -5.49
C VAL E 145 44.95 1.08 -4.19
N CYS E 146 43.76 1.24 -3.66
CA CYS E 146 43.58 1.93 -2.41
C CYS E 146 43.16 0.94 -1.39
N LEU E 147 43.69 1.08 -0.18
CA LEU E 147 43.43 0.15 0.85
C LEU E 147 43.00 0.91 2.11
N ALA E 148 41.77 0.70 2.50
CA ALA E 148 41.21 1.29 3.75
C ALA E 148 41.22 0.13 4.75
N THR E 149 42.05 0.24 5.77
CA THR E 149 42.20 -0.81 6.74
C THR E 149 41.94 -0.35 8.21
N GLY E 150 41.63 -1.33 9.08
CA GLY E 150 41.43 -1.08 10.51
C GLY E 150 40.20 -0.27 10.96
N PHE E 151 39.17 -0.18 10.12
CA PHE E 151 37.98 0.59 10.51
C PHE E 151 36.87 -0.23 11.14
N TYR E 152 36.10 0.44 12.00
CA TYR E 152 34.91 -0.16 12.71
C TYR E 152 34.06 1.01 13.23
N PRO E 153 32.72 0.99 12.98
CA PRO E 153 31.90 0.02 12.30
C PRO E 153 32.26 -0.06 10.86
N ASP E 154 31.57 -0.91 10.10
CA ASP E 154 31.98 -1.18 8.71
C ASP E 154 31.23 -0.52 7.58
N HIS E 155 30.80 0.71 7.70
CA HIS E 155 30.09 1.33 6.54
C HIS E 155 30.74 2.65 6.07
N VAL E 156 31.89 2.53 5.38
CA VAL E 156 32.61 3.67 4.88
C VAL E 156 32.24 3.94 3.40
N GLU E 157 32.63 5.11 2.89
CA GLU E 157 32.36 5.45 1.45
C GLU E 157 33.65 5.83 0.85
N LEU E 158 34.11 5.05 -0.11
CA LEU E 158 35.39 5.28 -0.74
C LEU E 158 35.21 5.87 -2.11
N SER E 159 36.06 6.83 -2.45
CA SER E 159 36.01 7.44 -3.77
C SER E 159 37.43 7.84 -4.25
N TRP E 160 37.57 7.98 -5.56
CA TRP E 160 38.81 8.39 -6.15
C TRP E 160 38.62 9.76 -6.73
N TRP E 161 39.63 10.59 -6.62
CA TRP E 161 39.59 11.92 -7.14
C TRP E 161 40.82 12.15 -7.98
N VAL E 162 40.61 12.36 -9.28
CA VAL E 162 41.70 12.59 -10.22
C VAL E 162 41.68 14.03 -10.67
N ASN E 163 42.64 14.82 -10.16
CA ASN E 163 42.73 16.26 -10.50
C ASN E 163 41.56 17.05 -9.89
N GLY E 164 41.22 16.73 -8.65
CA GLY E 164 40.13 17.41 -7.92
C GLY E 164 38.72 17.06 -8.40
N LYS E 165 38.62 16.09 -9.31
CA LYS E 165 37.32 15.70 -9.85
C LYS E 165 37.03 14.24 -9.50
N GLU E 166 35.83 13.96 -8.97
CA GLU E 166 35.48 12.58 -8.64
C GLU E 166 35.28 11.79 -9.93
N VAL E 167 35.99 10.66 -10.04
CA VAL E 167 35.92 9.83 -11.23
C VAL E 167 35.20 8.53 -10.95
N HIS E 168 34.74 7.87 -12.00
CA HIS E 168 34.04 6.59 -11.85
C HIS E 168 34.50 5.54 -12.87
N SER E 169 34.79 5.99 -14.09
CA SER E 169 35.24 5.09 -15.12
C SER E 169 36.53 4.38 -14.70
N GLY E 170 36.54 3.07 -14.84
CA GLY E 170 37.70 2.27 -14.49
C GLY E 170 37.83 1.99 -13.02
N VAL E 171 36.82 2.40 -12.23
CA VAL E 171 36.82 2.20 -10.75
C VAL E 171 36.15 0.90 -10.34
N CYS E 172 36.77 0.20 -9.42
CA CYS E 172 36.23 -1.05 -8.94
C CYS E 172 36.43 -1.08 -7.45
N THR E 173 35.35 -0.93 -6.69
CA THR E 173 35.43 -0.93 -5.22
C THR E 173 34.71 -2.11 -4.69
N ASP E 174 35.31 -2.79 -3.71
CA ASP E 174 34.68 -3.99 -3.13
C ASP E 174 33.28 -3.66 -2.61
N PRO E 175 32.32 -4.56 -2.84
CA PRO E 175 30.95 -4.36 -2.36
C PRO E 175 30.90 -4.33 -0.84
N GLN E 176 31.38 -5.40 -0.22
CA GLN E 176 31.44 -5.46 1.26
C GLN E 176 32.91 -5.56 1.78
N PRO E 177 33.16 -5.14 3.00
CA PRO E 177 34.48 -5.19 3.55
C PRO E 177 34.81 -6.52 4.11
N LEU E 178 36.06 -6.75 4.40
CA LEU E 178 36.43 -8.00 4.98
C LEU E 178 36.90 -7.79 6.38
N LYS E 179 36.65 -8.77 7.22
CA LYS E 179 37.07 -8.73 8.58
C LYS E 179 38.52 -9.11 8.66
N GLU E 180 39.32 -8.25 9.28
CA GLU E 180 40.73 -8.50 9.46
C GLU E 180 40.94 -9.60 10.51
N GLN E 181 40.09 -9.62 11.53
CA GLN E 181 40.15 -10.62 12.60
C GLN E 181 38.86 -11.53 12.55
N PRO E 182 38.71 -12.35 11.49
CA PRO E 182 37.56 -13.24 11.19
C PRO E 182 36.83 -13.86 12.39
N ALA E 183 37.59 -14.39 13.36
CA ALA E 183 36.96 -15.04 14.53
C ALA E 183 36.43 -14.04 15.58
N LEU E 184 36.88 -12.80 15.52
CA LEU E 184 36.47 -11.80 16.50
C LEU E 184 35.12 -11.18 16.26
N ASN E 185 34.37 -11.07 17.35
CA ASN E 185 33.07 -10.46 17.32
C ASN E 185 33.16 -8.95 16.96
N ASP E 186 34.17 -8.27 17.48
CA ASP E 186 34.33 -6.86 17.23
C ASP E 186 35.47 -6.55 16.25
N SER E 187 35.78 -7.49 15.38
CA SER E 187 36.85 -7.29 14.45
C SER E 187 36.71 -6.04 13.64
N ARG E 188 37.84 -5.43 13.32
CA ARG E 188 37.88 -4.28 12.47
C ARG E 188 37.84 -4.78 11.02
N TYR E 189 37.58 -3.86 10.08
CA TYR E 189 37.40 -4.21 8.67
C TYR E 189 38.41 -3.58 7.75
N ALA E 190 38.42 -4.09 6.51
CA ALA E 190 39.27 -3.56 5.44
C ALA E 190 38.47 -3.58 4.11
N LEU E 191 38.79 -2.66 3.23
CA LEU E 191 38.12 -2.53 1.95
C LEU E 191 39.15 -2.09 0.95
N SER E 192 39.01 -2.54 -0.32
CA SER E 192 39.94 -2.12 -1.37
C SER E 192 39.18 -1.66 -2.62
N SER E 193 39.82 -0.81 -3.40
CA SER E 193 39.25 -0.40 -4.69
C SER E 193 40.39 -0.19 -5.63
N ARG E 194 40.12 -0.29 -6.92
CA ARG E 194 41.12 -0.07 -7.90
C ARG E 194 40.66 1.03 -8.85
N LEU E 195 41.63 1.77 -9.37
CA LEU E 195 41.41 2.82 -10.34
C LEU E 195 42.34 2.52 -11.44
N ARG E 196 41.81 2.08 -12.58
CA ARG E 196 42.66 1.73 -13.71
C ARG E 196 42.60 2.76 -14.80
N VAL E 197 43.76 3.28 -15.15
CA VAL E 197 43.89 4.30 -16.18
C VAL E 197 44.89 3.78 -17.19
N SER E 198 45.11 4.57 -18.24
CA SER E 198 46.08 4.18 -19.26
C SER E 198 47.50 4.50 -18.79
N ALA E 199 48.48 3.81 -19.36
CA ALA E 199 49.88 4.04 -19.03
C ALA E 199 50.24 5.49 -19.33
N THR E 200 49.83 5.96 -20.50
CA THR E 200 50.11 7.33 -20.93
C THR E 200 49.47 8.37 -19.98
N PHE E 201 48.36 8.01 -19.34
CA PHE E 201 47.68 8.93 -18.45
C PHE E 201 48.37 8.92 -17.05
N TRP E 202 48.87 7.74 -16.63
CA TRP E 202 49.59 7.61 -15.36
C TRP E 202 50.99 8.28 -15.44
N GLN E 203 51.75 7.92 -16.46
CA GLN E 203 53.10 8.46 -16.64
C GLN E 203 53.17 9.99 -16.48
N ASP E 204 52.16 10.70 -16.98
CA ASP E 204 52.14 12.17 -16.89
C ASP E 204 52.19 12.64 -15.42
N PRO E 205 53.30 13.34 -15.05
CA PRO E 205 53.48 13.84 -13.66
C PRO E 205 52.54 14.98 -13.29
N ARG E 206 51.81 15.49 -14.27
CA ARG E 206 50.87 16.58 -14.07
C ARG E 206 49.55 16.06 -13.44
N ASN E 207 49.30 14.75 -13.58
CA ASN E 207 48.09 14.13 -13.07
C ASN E 207 48.18 13.77 -11.57
N HIS E 208 47.18 14.22 -10.81
CA HIS E 208 47.12 13.97 -9.39
C HIS E 208 46.06 12.90 -9.09
N PHE E 209 46.42 11.94 -8.26
CA PHE E 209 45.52 10.84 -7.89
C PHE E 209 45.33 10.84 -6.41
N ARG E 210 44.10 10.60 -5.97
CA ARG E 210 43.83 10.57 -4.54
C ARG E 210 42.68 9.62 -4.16
N CYS E 211 42.88 8.88 -3.08
CA CYS E 211 41.86 7.97 -2.55
C CYS E 211 41.25 8.60 -1.30
N GLN E 212 39.95 8.72 -1.27
CA GLN E 212 39.25 9.33 -0.14
C GLN E 212 38.28 8.36 0.52
N VAL E 213 38.21 8.37 1.86
CA VAL E 213 37.27 7.49 2.59
C VAL E 213 36.53 8.26 3.69
N GLN E 214 35.21 8.49 3.47
CA GLN E 214 34.38 9.19 4.46
C GLN E 214 34.06 8.14 5.51
N PHE E 215 34.32 8.46 6.75
CA PHE E 215 34.06 7.56 7.82
C PHE E 215 33.09 8.20 8.77
N TYR E 216 32.13 7.40 9.24
CA TYR E 216 31.14 7.88 10.21
C TYR E 216 31.47 7.31 11.52
N GLY E 217 31.56 8.18 12.52
CA GLY E 217 31.95 7.75 13.83
C GLY E 217 31.22 8.48 14.91
N LEU E 218 31.89 8.63 16.05
CA LEU E 218 31.32 9.24 17.21
C LEU E 218 31.15 10.78 17.06
N SER E 219 30.28 11.36 17.88
CA SER E 219 30.08 12.78 17.89
C SER E 219 31.09 13.42 18.89
N GLU E 220 31.42 14.68 18.65
CA GLU E 220 32.39 15.42 19.48
C GLU E 220 32.18 15.20 20.99
N ASN E 221 30.92 15.10 21.40
CA ASN E 221 30.57 14.98 22.81
C ASN E 221 30.26 13.57 23.39
N ASP E 222 30.44 12.53 22.60
CA ASP E 222 30.22 11.17 23.14
C ASP E 222 31.22 10.88 24.26
N GLU E 223 30.81 10.03 25.17
CA GLU E 223 31.63 9.62 26.28
C GLU E 223 32.85 8.93 25.74
N TRP E 224 33.99 9.19 26.34
CA TRP E 224 35.20 8.64 25.86
C TRP E 224 36.23 8.52 26.97
N THR E 225 37.00 7.44 26.95
CA THR E 225 37.99 7.14 28.00
C THR E 225 39.34 6.69 27.51
N GLN E 226 39.48 6.46 26.23
CA GLN E 226 40.72 5.96 25.71
C GLN E 226 41.79 7.05 25.61
N ASP E 227 43.05 6.64 25.48
CA ASP E 227 44.20 7.58 25.31
C ASP E 227 44.51 7.78 23.81
N ARG E 228 43.49 8.13 23.05
CA ARG E 228 43.64 8.40 21.62
C ARG E 228 42.55 9.36 21.26
N ALA E 229 42.82 10.20 20.28
CA ALA E 229 41.90 11.20 19.90
C ALA E 229 40.59 10.58 19.55
N LYS E 230 39.51 11.21 19.97
CA LYS E 230 38.16 10.68 19.71
C LYS E 230 37.94 10.44 18.19
N PRO E 231 37.47 9.22 17.81
CA PRO E 231 37.24 8.94 16.37
C PRO E 231 35.92 9.44 15.87
N VAL E 232 35.85 10.74 15.60
CA VAL E 232 34.62 11.31 15.10
C VAL E 232 34.46 11.04 13.55
N THR E 233 33.36 11.50 13.01
CA THR E 233 33.10 11.43 11.58
C THR E 233 34.17 12.26 10.89
N GLN E 234 34.85 11.69 9.90
CA GLN E 234 36.01 12.37 9.21
C GLN E 234 36.34 11.72 7.87
N ILE E 235 37.13 12.43 7.05
CA ILE E 235 37.57 11.94 5.77
C ILE E 235 39.09 11.67 5.87
N VAL E 236 39.51 10.43 5.60
CA VAL E 236 40.94 10.05 5.61
C VAL E 236 41.33 9.77 4.17
N SER E 237 42.39 10.42 3.68
CA SER E 237 42.80 10.21 2.30
C SER E 237 44.30 9.97 2.14
N ALA E 238 44.67 9.53 0.93
CA ALA E 238 46.05 9.27 0.56
C ALA E 238 46.18 9.69 -0.91
N GLU E 239 47.26 10.42 -1.23
CA GLU E 239 47.48 10.93 -2.59
C GLU E 239 48.62 10.24 -3.32
N ALA E 240 48.78 10.58 -4.58
CA ALA E 240 49.87 10.04 -5.40
C ALA E 240 49.97 10.82 -6.72
N TRP E 241 51.19 11.16 -7.13
CA TRP E 241 51.44 11.87 -8.42
C TRP E 241 51.98 10.88 -9.45
N GLY E 242 51.75 11.17 -10.74
CA GLY E 242 52.23 10.30 -11.83
C GLY E 242 53.74 10.07 -11.76
N ARG E 243 54.24 9.15 -12.59
CA ARG E 243 55.66 8.80 -12.59
C ARG E 243 56.12 8.24 -13.94
N ALA E 244 56.84 9.04 -14.71
CA ALA E 244 57.35 8.60 -16.01
C ALA E 244 58.33 7.47 -15.80
N ASP E 245 57.90 6.24 -16.14
CA ASP E 245 58.72 5.02 -15.96
C ASP E 245 59.37 4.93 -14.57
C TAM F . -21.90 -21.77 -9.62
C1 TAM F . -22.13 -20.49 -10.33
C2 TAM F . -22.36 -21.83 -8.20
C3 TAM F . -20.60 -22.44 -9.90
C4 TAM F . -23.23 -20.59 -11.42
C5 TAM F . -23.89 -21.96 -8.06
C6 TAM F . -19.48 -22.01 -8.92
N TAM F . -22.84 -22.67 -10.30
O4 TAM F . -22.88 -21.60 -12.39
O5 TAM F . -24.55 -20.99 -8.89
O6 TAM F . -18.40 -22.96 -8.97
S SO4 G . -25.34 9.09 15.26
O1 SO4 G . -24.51 8.10 15.94
O2 SO4 G . -25.63 8.60 13.89
O3 SO4 G . -26.59 9.28 16.01
O4 SO4 G . -24.64 10.42 15.20
S SO4 H . -8.75 -2.75 -20.54
O1 SO4 H . -7.60 -3.42 -21.16
O2 SO4 H . -8.35 -2.22 -19.23
O3 SO4 H . -9.18 -1.67 -21.39
O4 SO4 H . -9.88 -3.71 -20.37
S SO4 I . -7.43 5.45 -18.52
O1 SO4 I . -8.18 4.38 -19.15
O2 SO4 I . -6.11 5.58 -19.14
O3 SO4 I . -8.16 6.71 -18.66
O4 SO4 I . -7.26 5.09 -17.10
S SO4 J . -15.74 -12.78 -15.00
O1 SO4 J . -14.99 -14.01 -14.74
O2 SO4 J . -16.15 -12.71 -16.43
O3 SO4 J . -16.92 -12.78 -14.14
O4 SO4 J . -14.91 -11.61 -14.67
S SO4 K . -14.99 11.52 -23.29
O1 SO4 K . -14.32 10.30 -22.81
O2 SO4 K . -16.42 11.26 -23.39
O3 SO4 K . -14.73 12.64 -22.35
O4 SO4 K . -14.47 11.87 -24.62
S SO4 L . 29.75 -3.00 20.75
O1 SO4 L . 30.22 -3.95 21.77
O2 SO4 L . 30.39 -3.29 19.45
O3 SO4 L . 28.27 -3.12 20.61
O4 SO4 L . 30.11 -1.66 21.17
S SO4 M . 35.27 1.54 28.38
O1 SO4 M . 34.39 0.45 28.85
O2 SO4 M . 34.98 1.87 26.97
O3 SO4 M . 35.04 2.75 29.21
O4 SO4 M . 36.67 1.12 28.53
S SO4 N . 43.31 17.27 -4.25
O1 SO4 N . 43.11 17.38 -2.79
O2 SO4 N . 42.01 17.06 -4.91
O3 SO4 N . 43.92 18.51 -4.75
O4 SO4 N . 44.18 16.14 -4.55
S SO4 O . 33.80 9.60 -14.78
O1 SO4 O . 33.47 9.50 -13.37
O2 SO4 O . 32.55 9.73 -15.53
O3 SO4 O . 34.65 10.77 -15.02
O4 SO4 O . 34.51 8.39 -15.19
S SO4 P . -1.95 -2.41 10.41
O1 SO4 P . -2.01 -1.36 11.40
O2 SO4 P . -3.25 -2.49 9.75
O3 SO4 P . -0.91 -2.09 9.45
O4 SO4 P . -1.65 -3.66 11.11
S SO4 Q . 22.12 -4.49 9.86
O1 SO4 Q . 22.17 -3.77 11.14
O2 SO4 Q . 21.49 -3.63 8.83
O3 SO4 Q . 23.51 -4.83 9.46
O4 SO4 Q . 21.33 -5.72 9.99
#